data_9JLY
#
_entry.id   9JLY
#
_cell.length_a   90.037
_cell.length_b   90.037
_cell.length_c   203.812
_cell.angle_alpha   90.00
_cell.angle_beta   90.00
_cell.angle_gamma   90.00
#
_symmetry.space_group_name_H-M   'P 41 21 2'
#
loop_
_entity.id
_entity.type
_entity.pdbx_description
1 polymer 'NADP-dependent oxidoreductase'
2 non-polymer 'NADP NICOTINAMIDE-ADENINE-DINUCLEOTIDE PHOSPHATE'
#
_entity_poly.entity_id   1
_entity_poly.type   'polypeptide(L)'
_entity_poly.pdbx_seq_one_letter_code
;LGSMKTERWVVREHVEGVPDAARIYEKVETELNTRLGEEQMLLKTLYVSVDPYLQGICLDTPIGDHMGADSIMQVLDAGP
NAPFRPGDLVQGFGGWRTHLVSDGKPKLWQTGTFPMVFPAYRKLDLRHYDDALPLSTALGVMGGPGMTAWGTMTKFMQVR
PGDTVVVSGASGMIGTLVGQMAKRAGARVVGTAGSAGKARYLSQLGFDAVIDYKLADDADKMREALREAAPDGVDKYFDS
IGGSVTDAVFSMLNVGSQVAVCWQWATQVQRDYHGPRLLPYIMFPRATIRGIFSLEWFTEQNWSALHEELGGLVRRQELV
AHETVQDGFEHIPAAYQTLFSASESNRGKVLVRV
;
_entity_poly.pdbx_strand_id   A,B
#
# COMPACT_ATOMS: atom_id res chain seq x y z
N LEU A 1 23.54 47.87 5.86
CA LEU A 1 23.23 48.54 4.61
C LEU A 1 21.75 48.85 4.33
N GLY A 2 20.85 48.77 5.33
CA GLY A 2 19.48 49.09 5.00
C GLY A 2 18.46 48.03 5.33
N SER A 3 17.19 48.44 5.39
CA SER A 3 16.07 47.56 5.64
C SER A 3 14.88 48.01 4.77
N MET A 4 13.75 47.32 4.92
CA MET A 4 12.62 47.55 4.03
C MET A 4 11.32 47.11 4.71
N LYS A 5 10.23 47.86 4.46
CA LYS A 5 8.91 47.51 4.97
C LYS A 5 8.25 46.52 4.04
N THR A 6 7.69 45.44 4.62
CA THR A 6 7.06 44.33 3.91
C THR A 6 5.84 43.83 4.65
N GLU A 7 4.84 43.41 3.88
CA GLU A 7 3.67 42.76 4.43
C GLU A 7 3.86 41.25 4.42
N ARG A 8 3.32 40.61 5.47
CA ARG A 8 3.33 39.17 5.64
C ARG A 8 1.98 38.73 6.20
N TRP A 9 1.52 37.58 5.75
CA TRP A 9 0.41 36.90 6.40
C TRP A 9 1.00 35.92 7.39
N VAL A 10 0.73 36.12 8.67
CA VAL A 10 1.27 35.24 9.70
C VAL A 10 0.14 34.38 10.25
N VAL A 11 0.53 33.32 10.98
CA VAL A 11 -0.44 32.38 11.56
C VAL A 11 -0.84 32.91 12.93
N ARG A 12 -2.08 33.39 13.02
CA ARG A 12 -2.62 33.97 14.24
C ARG A 12 -3.17 32.89 15.18
N GLU A 13 -3.90 31.93 14.65
CA GLU A 13 -4.50 30.97 15.55
C GLU A 13 -4.58 29.62 14.88
N HIS A 14 -4.43 28.57 15.68
CA HIS A 14 -4.56 27.19 15.22
C HIS A 14 -5.99 26.72 15.39
N VAL A 15 -6.62 26.34 14.28
CA VAL A 15 -7.99 25.84 14.24
C VAL A 15 -8.00 24.57 13.42
N GLU A 16 -8.56 23.49 13.98
CA GLU A 16 -8.61 22.19 13.31
C GLU A 16 -9.81 22.15 12.37
N GLY A 17 -9.72 21.29 11.35
CA GLY A 17 -10.87 21.18 10.49
C GLY A 17 -10.91 22.21 9.39
N VAL A 18 -12.06 22.32 8.76
CA VAL A 18 -12.24 23.35 7.73
C VAL A 18 -11.86 24.70 8.32
N PRO A 19 -10.82 25.36 7.79
CA PRO A 19 -10.32 26.57 8.44
C PRO A 19 -11.27 27.76 8.26
N ASP A 20 -11.16 28.70 9.21
CA ASP A 20 -11.74 30.04 9.10
C ASP A 20 -10.60 31.02 8.82
N ALA A 21 -10.46 31.45 7.58
CA ALA A 21 -9.24 32.16 7.19
C ALA A 21 -9.10 33.51 7.92
N ALA A 22 -10.21 34.25 8.06
CA ALA A 22 -10.14 35.53 8.77
C ALA A 22 -9.76 35.36 10.22
N ARG A 23 -10.00 34.19 10.78
CA ARG A 23 -9.67 33.96 12.19
C ARG A 23 -8.24 33.48 12.34
N ILE A 24 -7.76 32.71 11.37
CA ILE A 24 -6.46 32.07 11.43
C ILE A 24 -5.32 33.01 11.06
N TYR A 25 -5.56 33.93 10.12
CA TYR A 25 -4.49 34.71 9.50
C TYR A 25 -4.59 36.19 9.85
N GLU A 26 -3.44 36.86 9.76
CA GLU A 26 -3.34 38.27 10.11
C GLU A 26 -2.25 38.91 9.26
N LYS A 27 -2.62 39.97 8.55
CA LYS A 27 -1.64 40.72 7.78
C LYS A 27 -0.91 41.65 8.72
N VAL A 28 0.41 41.51 8.81
CA VAL A 28 1.23 42.41 9.60
C VAL A 28 2.19 43.06 8.64
N GLU A 29 2.71 44.22 9.04
CA GLU A 29 3.85 44.86 8.40
C GLU A 29 5.09 44.46 9.17
N THR A 30 6.15 44.12 8.44
CA THR A 30 7.32 43.53 9.06
C THR A 30 8.57 44.10 8.41
N GLU A 31 9.47 44.62 9.24
CA GLU A 31 10.70 45.25 8.76
C GLU A 31 11.69 44.17 8.36
N LEU A 32 12.06 44.15 7.10
CA LEU A 32 12.91 43.10 6.56
C LEU A 32 14.33 43.64 6.41
N ASN A 33 15.25 43.02 7.13
CA ASN A 33 16.67 43.35 7.06
C ASN A 33 17.21 42.96 5.68
N THR A 34 17.80 43.93 4.96
CA THR A 34 18.22 43.73 3.56
C THR A 34 19.73 43.55 3.35
N ARG A 35 20.53 43.34 4.39
CA ARG A 35 21.97 43.13 4.23
C ARG A 35 22.22 41.66 3.88
N LEU A 36 22.36 41.36 2.59
CA LEU A 36 22.39 39.97 2.15
C LEU A 36 23.70 39.29 2.56
N GLY A 37 23.59 38.04 3.00
CA GLY A 37 24.72 37.18 3.26
C GLY A 37 25.48 36.78 2.00
N GLU A 38 26.42 35.85 2.17
CA GLU A 38 27.30 35.51 1.06
C GLU A 38 26.50 34.89 -0.07
N GLU A 39 25.48 34.11 0.28
CA GLU A 39 24.68 33.41 -0.72
C GLU A 39 23.21 33.76 -0.65
N GLN A 40 22.86 34.74 0.17
CA GLN A 40 21.48 35.15 0.31
C GLN A 40 21.08 36.04 -0.86
N MET A 41 19.78 36.32 -0.96
CA MET A 41 19.29 37.15 -2.05
C MET A 41 17.89 37.66 -1.70
N LEU A 42 17.64 38.91 -2.03
CA LEU A 42 16.40 39.58 -1.71
C LEU A 42 15.36 39.31 -2.80
N LEU A 43 14.20 38.80 -2.41
CA LEU A 43 13.23 38.31 -3.38
C LEU A 43 11.91 39.06 -3.30
N LYS A 44 11.29 39.26 -4.45
CA LYS A 44 9.97 39.89 -4.56
C LYS A 44 8.95 38.86 -4.98
N THR A 45 7.89 38.70 -4.19
CA THR A 45 6.83 37.76 -4.57
C THR A 45 5.92 38.35 -5.63
N LEU A 46 5.77 37.64 -6.73
CA LEU A 46 4.83 37.99 -7.79
C LEU A 46 3.53 37.20 -7.71
N TYR A 47 3.62 35.87 -7.53
CA TYR A 47 2.45 35.02 -7.30
C TYR A 47 2.67 34.09 -6.10
N VAL A 48 1.58 33.81 -5.40
CA VAL A 48 1.55 32.80 -4.35
C VAL A 48 0.48 31.82 -4.77
N SER A 49 0.64 30.58 -4.33
CA SER A 49 -0.34 29.54 -4.58
C SER A 49 -1.17 29.34 -3.32
N VAL A 50 -2.46 29.08 -3.47
CA VAL A 50 -3.29 28.66 -2.35
C VAL A 50 -3.73 27.22 -2.59
N ASP A 51 -3.41 26.34 -1.64
CA ASP A 51 -3.55 24.91 -1.75
C ASP A 51 -4.14 24.30 -0.50
N PRO A 52 -4.98 23.27 -0.65
CA PRO A 52 -5.57 22.64 0.55
C PRO A 52 -4.55 22.01 1.48
N TYR A 53 -3.41 21.52 0.98
CA TYR A 53 -2.42 20.94 1.89
C TYR A 53 -1.88 21.95 2.88
N LEU A 54 -1.99 23.24 2.57
CA LEU A 54 -1.62 24.28 3.52
C LEU A 54 -2.40 24.20 4.82
N GLN A 55 -3.59 23.59 4.83
CA GLN A 55 -4.32 23.38 6.08
C GLN A 55 -3.46 22.66 7.12
N GLY A 56 -2.59 21.75 6.67
CA GLY A 56 -1.71 21.03 7.56
C GLY A 56 -0.48 21.83 7.97
N ILE A 57 0.14 22.52 7.01
CA ILE A 57 1.33 23.33 7.34
C ILE A 57 0.97 24.41 8.33
N CYS A 58 -0.24 24.96 8.22
CA CYS A 58 -0.67 26.00 9.14
C CYS A 58 -0.71 25.49 10.57
N LEU A 59 -1.14 24.24 10.76
CA LEU A 59 -1.21 23.66 12.11
C LEU A 59 0.18 23.35 12.65
N ASP A 60 1.17 23.19 11.78
CA ASP A 60 2.53 22.97 12.22
C ASP A 60 3.36 24.24 12.18
N THR A 61 2.78 25.34 11.74
CA THR A 61 3.48 26.61 11.70
C THR A 61 3.41 27.29 13.06
N PRO A 62 4.55 27.61 13.69
CA PRO A 62 4.51 28.30 14.98
C PRO A 62 3.61 29.53 14.93
N ILE A 63 2.85 29.75 16.00
CA ILE A 63 1.99 30.93 16.07
C ILE A 63 2.87 32.17 15.93
N GLY A 64 2.49 33.07 15.03
CA GLY A 64 3.24 34.27 14.77
C GLY A 64 4.14 34.22 13.53
N ASP A 65 4.49 33.03 13.05
CA ASP A 65 5.35 32.92 11.87
C ASP A 65 4.53 33.07 10.58
N HIS A 66 5.25 33.30 9.49
CA HIS A 66 4.58 33.47 8.22
C HIS A 66 4.09 32.12 7.68
N MET A 67 3.04 32.21 6.85
CA MET A 67 2.42 31.05 6.21
C MET A 67 3.21 30.63 4.98
N GLY A 68 3.71 29.39 4.97
CA GLY A 68 4.40 28.89 3.79
C GLY A 68 3.46 28.75 2.61
N ALA A 69 4.05 28.68 1.41
CA ALA A 69 3.29 28.51 0.18
C ALA A 69 4.21 28.47 -1.03
N ASP A 70 3.85 27.67 -2.04
CA ASP A 70 4.55 27.77 -3.32
C ASP A 70 4.37 29.17 -3.86
N SER A 71 5.44 29.76 -4.35
CA SER A 71 5.35 31.11 -4.87
C SER A 71 6.28 31.30 -6.05
N ILE A 72 6.01 32.36 -6.80
CA ILE A 72 6.87 32.85 -7.86
C ILE A 72 7.49 34.18 -7.40
N MET A 73 8.82 34.25 -7.40
CA MET A 73 9.56 35.37 -6.86
C MET A 73 10.51 35.92 -7.93
N GLN A 74 10.85 37.19 -7.78
CA GLN A 74 11.85 37.85 -8.62
C GLN A 74 13.04 38.28 -7.76
N VAL A 75 14.25 38.12 -8.30
CA VAL A 75 15.47 38.44 -7.55
C VAL A 75 15.72 39.94 -7.66
N LEU A 76 15.44 40.66 -6.58
CA LEU A 76 15.71 42.09 -6.57
C LEU A 76 17.20 42.36 -6.53
N ASP A 77 17.92 41.54 -5.77
CA ASP A 77 19.29 41.80 -5.38
C ASP A 77 19.87 40.51 -4.84
N ALA A 78 21.14 40.26 -5.12
CA ALA A 78 21.72 38.98 -4.77
C ALA A 78 23.12 39.14 -4.23
N GLY A 79 23.42 38.40 -3.17
CA GLY A 79 24.73 38.32 -2.58
C GLY A 79 25.77 37.74 -3.52
N PRO A 80 27.03 37.74 -3.07
CA PRO A 80 28.12 37.40 -3.98
C PRO A 80 28.16 35.94 -4.44
N ASN A 81 27.55 35.01 -3.70
CA ASN A 81 27.57 33.61 -4.11
C ASN A 81 26.18 33.06 -4.40
N ALA A 82 25.18 33.91 -4.51
CA ALA A 82 23.79 33.46 -4.67
C ALA A 82 23.63 32.55 -5.89
N PRO A 83 22.62 31.67 -5.87
CA PRO A 83 22.31 30.84 -7.07
C PRO A 83 21.68 31.60 -8.23
N PHE A 84 21.20 32.83 -8.03
CA PHE A 84 20.52 33.57 -9.09
C PHE A 84 20.92 35.03 -9.02
N ARG A 85 21.04 35.67 -10.17
CA ARG A 85 21.40 37.09 -10.19
C ARG A 85 20.15 37.93 -10.29
N PRO A 86 20.24 39.22 -9.99
CA PRO A 86 19.05 40.07 -10.04
C PRO A 86 18.37 40.06 -11.40
N GLY A 87 17.05 40.02 -11.38
CA GLY A 87 16.24 39.85 -12.56
C GLY A 87 15.71 38.45 -12.79
N ASP A 88 16.36 37.41 -12.23
CA ASP A 88 15.94 36.03 -12.47
C ASP A 88 14.58 35.75 -11.82
N LEU A 89 13.71 35.04 -12.54
CA LEU A 89 12.48 34.57 -11.94
C LEU A 89 12.71 33.16 -11.40
N VAL A 90 12.28 32.94 -10.16
CA VAL A 90 12.50 31.68 -9.45
C VAL A 90 11.21 31.19 -8.83
N GLN A 91 11.16 29.88 -8.56
CA GLN A 91 10.03 29.19 -7.93
C GLN A 91 10.51 28.45 -6.69
N GLY A 92 9.78 28.59 -5.60
CA GLY A 92 10.19 27.99 -4.34
C GLY A 92 9.12 28.21 -3.30
N PHE A 93 9.41 27.80 -2.06
CA PHE A 93 8.39 27.87 -1.02
C PHE A 93 8.44 29.21 -0.28
N GLY A 94 8.23 30.29 -1.04
CA GLY A 94 8.48 31.63 -0.50
C GLY A 94 7.51 32.04 0.59
N GLY A 95 6.25 31.65 0.48
CA GLY A 95 5.28 31.96 1.50
C GLY A 95 4.43 33.17 1.14
N TRP A 96 3.47 33.42 2.01
CA TRP A 96 2.58 34.56 1.90
C TRP A 96 3.28 35.80 2.45
N ARG A 97 4.25 36.27 1.69
CA ARG A 97 5.02 37.44 2.06
C ARG A 97 5.27 38.26 0.82
N THR A 98 5.38 39.58 1.00
CA THR A 98 5.64 40.41 -0.16
C THR A 98 7.11 40.31 -0.56
N HIS A 99 8.00 40.33 0.42
CA HIS A 99 9.43 40.19 0.17
C HIS A 99 10.07 39.35 1.26
N LEU A 100 11.18 38.73 0.89
CA LEU A 100 11.85 37.80 1.78
C LEU A 100 13.31 37.74 1.36
N VAL A 101 14.14 37.27 2.28
CA VAL A 101 15.55 37.01 2.02
C VAL A 101 15.77 35.52 2.20
N SER A 102 16.43 34.89 1.24
CA SER A 102 16.65 33.44 1.29
C SER A 102 17.94 33.09 0.55
N ASP A 103 18.62 32.04 1.04
CA ASP A 103 19.80 31.51 0.33
C ASP A 103 19.41 30.50 -0.73
N GLY A 104 18.12 30.22 -0.87
CA GLY A 104 17.61 29.34 -1.91
C GLY A 104 17.97 27.89 -1.76
N LYS A 105 18.56 27.51 -0.66
CA LYS A 105 18.97 26.13 -0.43
C LYS A 105 17.80 25.33 0.14
N PRO A 106 17.85 24.02 0.08
CA PRO A 106 16.79 23.24 0.73
C PRO A 106 16.80 23.52 2.23
N LYS A 107 15.73 24.14 2.71
CA LYS A 107 15.50 24.30 4.13
C LYS A 107 14.76 23.07 4.65
N LEU A 108 14.87 22.84 5.94
CA LEU A 108 14.16 21.72 6.55
C LEU A 108 12.93 22.24 7.27
N TRP A 109 11.85 21.44 7.22
CA TRP A 109 10.60 21.78 7.88
C TRP A 109 10.62 21.12 9.26
N GLN A 110 11.31 21.80 10.18
CA GLN A 110 11.60 21.24 11.50
C GLN A 110 10.32 20.94 12.28
N THR A 111 9.40 21.90 12.35
CA THR A 111 8.21 21.78 13.16
C THR A 111 7.17 20.87 12.52
N GLY A 112 7.57 19.93 11.68
CA GLY A 112 6.61 19.13 10.95
C GLY A 112 6.32 17.79 11.58
N THR A 113 5.09 17.33 11.38
CA THR A 113 4.71 15.99 11.82
C THR A 113 5.69 14.94 11.29
N PHE A 114 6.07 15.09 10.02
CA PHE A 114 7.08 14.34 9.33
C PHE A 114 8.17 15.34 8.96
N PRO A 115 9.41 15.09 9.33
CA PRO A 115 10.51 15.98 8.92
C PRO A 115 10.53 16.06 7.40
N MET A 116 10.54 17.26 6.87
CA MET A 116 10.54 17.43 5.44
C MET A 116 11.50 18.50 4.99
N VAL A 117 12.21 18.24 3.91
CA VAL A 117 13.10 19.24 3.37
C VAL A 117 12.51 19.86 2.13
N PHE A 118 12.17 21.12 2.23
CA PHE A 118 11.61 21.86 1.09
C PHE A 118 12.65 21.98 -0.02
N PRO A 119 12.22 21.90 -1.28
CA PRO A 119 13.20 21.86 -2.38
C PRO A 119 13.87 23.20 -2.59
N ALA A 120 15.15 23.13 -2.99
CA ALA A 120 15.88 24.33 -3.38
C ALA A 120 15.18 25.00 -4.54
N TYR A 121 15.31 26.32 -4.62
CA TYR A 121 14.57 27.08 -5.62
C TYR A 121 14.98 26.64 -7.03
N ARG A 122 14.07 26.81 -7.99
CA ARG A 122 14.37 26.56 -9.40
C ARG A 122 14.24 27.83 -10.22
N LYS A 123 15.10 28.00 -11.21
CA LYS A 123 14.98 29.19 -12.03
C LYS A 123 13.93 28.98 -13.12
N LEU A 124 13.25 30.07 -13.47
CA LEU A 124 12.34 30.08 -14.60
C LEU A 124 12.98 30.80 -15.78
N ASP A 125 12.85 30.18 -16.95
CA ASP A 125 13.33 30.77 -18.19
C ASP A 125 12.09 31.27 -18.84
N LEU A 126 11.98 32.57 -18.99
CA LEU A 126 10.74 33.16 -19.47
C LEU A 126 10.41 32.70 -20.88
N ARG A 127 11.34 32.07 -21.57
CA ARG A 127 11.12 31.68 -22.95
C ARG A 127 10.04 30.65 -23.08
N HIS A 128 9.75 29.95 -22.00
CA HIS A 128 8.77 28.87 -22.03
C HIS A 128 7.31 29.34 -21.99
N TYR A 129 7.05 30.57 -21.59
CA TYR A 129 5.68 30.95 -21.26
C TYR A 129 5.19 32.06 -22.18
N ASP A 130 3.88 32.02 -22.47
CA ASP A 130 3.20 33.02 -23.30
C ASP A 130 1.70 32.97 -22.96
N ASP A 131 0.87 33.60 -23.80
CA ASP A 131 -0.52 33.79 -23.39
C ASP A 131 -1.35 32.52 -23.42
N ALA A 132 -0.86 31.43 -24.01
CA ALA A 132 -1.57 30.17 -23.92
C ALA A 132 -1.07 29.32 -22.77
N LEU A 133 0.16 29.56 -22.33
CA LEU A 133 0.76 28.86 -21.20
C LEU A 133 1.47 29.87 -20.31
N PRO A 134 0.72 30.73 -19.61
CA PRO A 134 1.37 31.85 -18.93
C PRO A 134 2.35 31.40 -17.85
N LEU A 135 3.07 32.38 -17.30
CA LEU A 135 4.05 32.12 -16.24
C LEU A 135 3.40 31.51 -15.00
N SER A 136 2.15 31.90 -14.71
CA SER A 136 1.44 31.37 -13.55
C SER A 136 1.26 29.85 -13.63
N THR A 137 1.46 29.24 -14.80
CA THR A 137 1.39 27.79 -14.87
C THR A 137 2.54 27.16 -14.11
N ALA A 138 3.58 27.92 -13.77
CA ALA A 138 4.66 27.37 -12.95
C ALA A 138 4.22 27.08 -11.51
N LEU A 139 3.03 27.52 -11.09
CA LEU A 139 2.48 27.11 -9.81
C LEU A 139 1.34 26.10 -9.96
N GLY A 140 1.10 25.65 -11.19
CA GLY A 140 0.03 24.73 -11.48
C GLY A 140 0.47 23.65 -12.44
N VAL A 141 0.01 23.71 -13.69
CA VAL A 141 0.27 22.61 -14.62
C VAL A 141 1.74 22.53 -15.02
N MET A 142 2.51 23.61 -14.88
CA MET A 142 3.94 23.59 -15.15
C MET A 142 4.74 23.72 -13.86
N GLY A 143 4.17 23.29 -12.74
CA GLY A 143 4.85 23.35 -11.45
C GLY A 143 4.42 22.21 -10.56
N GLY A 144 4.24 22.51 -9.28
CA GLY A 144 3.92 21.53 -8.27
C GLY A 144 2.78 20.61 -8.66
N PRO A 145 1.60 21.18 -8.96
CA PRO A 145 0.46 20.31 -9.30
C PRO A 145 0.67 19.46 -10.54
N GLY A 146 1.14 20.05 -11.64
CA GLY A 146 1.39 19.27 -12.84
C GLY A 146 2.44 18.20 -12.65
N MET A 147 3.49 18.49 -11.87
CA MET A 147 4.51 17.50 -11.57
C MET A 147 3.96 16.35 -10.76
N THR A 148 3.06 16.62 -9.82
CA THR A 148 2.38 15.54 -9.12
C THR A 148 1.65 14.62 -10.11
N ALA A 149 0.75 15.18 -10.90
CA ALA A 149 -0.05 14.38 -11.84
C ALA A 149 0.84 13.66 -12.85
N TRP A 150 1.66 14.41 -13.58
CA TRP A 150 2.52 13.81 -14.60
C TRP A 150 3.44 12.76 -13.99
N GLY A 151 3.99 13.03 -12.80
CA GLY A 151 4.89 12.08 -12.18
C GLY A 151 4.23 10.75 -11.90
N THR A 152 3.03 10.77 -11.32
CA THR A 152 2.35 9.53 -10.95
C THR A 152 2.00 8.68 -12.16
N MET A 153 1.55 9.32 -13.24
CA MET A 153 1.09 8.62 -14.44
C MET A 153 2.22 8.11 -15.32
N THR A 154 3.44 8.66 -15.21
CA THR A 154 4.56 8.19 -16.00
C THR A 154 5.61 7.39 -15.23
N LYS A 155 5.72 7.58 -13.91
CA LYS A 155 6.72 6.89 -13.10
C LYS A 155 6.15 5.81 -12.17
N PHE A 156 4.81 5.66 -12.09
CA PHE A 156 4.18 4.68 -11.21
C PHE A 156 2.99 4.00 -11.85
N MET A 157 1.97 4.77 -12.23
CA MET A 157 0.78 4.15 -12.79
C MET A 157 1.00 3.85 -14.25
N GLN A 158 0.71 2.63 -14.64
CA GLN A 158 0.75 2.20 -16.03
C GLN A 158 -0.70 1.90 -16.41
N VAL A 159 -1.30 2.80 -17.18
CA VAL A 159 -2.70 2.69 -17.53
C VAL A 159 -2.79 1.98 -18.88
N ARG A 160 -3.38 0.79 -18.89
CA ARG A 160 -3.70 -0.04 -20.02
C ARG A 160 -5.07 0.36 -20.57
N PRO A 161 -5.22 0.44 -21.89
CA PRO A 161 -6.54 0.69 -22.46
C PRO A 161 -7.50 -0.37 -21.99
N GLY A 162 -8.62 0.07 -21.43
CA GLY A 162 -9.57 -0.82 -20.81
C GLY A 162 -9.60 -0.72 -19.30
N ASP A 163 -8.49 -0.34 -18.68
CA ASP A 163 -8.50 -0.12 -17.23
C ASP A 163 -9.59 0.87 -16.86
N THR A 164 -10.15 0.72 -15.67
CA THR A 164 -11.08 1.70 -15.11
C THR A 164 -10.37 2.47 -14.00
N VAL A 165 -10.27 3.79 -14.18
CA VAL A 165 -9.52 4.63 -13.28
C VAL A 165 -10.49 5.49 -12.47
N VAL A 166 -10.34 5.46 -11.16
CA VAL A 166 -11.14 6.28 -10.25
C VAL A 166 -10.23 7.37 -9.67
N VAL A 167 -10.68 8.62 -9.78
CA VAL A 167 -9.95 9.79 -9.27
C VAL A 167 -10.84 10.50 -8.26
N SER A 168 -10.33 10.67 -7.05
CA SER A 168 -11.09 11.34 -6.01
C SER A 168 -10.65 12.79 -5.86
N GLY A 169 -11.60 13.65 -5.51
CA GLY A 169 -11.33 15.06 -5.60
C GLY A 169 -10.93 15.42 -7.01
N ALA A 170 -11.63 14.86 -8.00
CA ALA A 170 -11.19 14.97 -9.39
C ALA A 170 -11.28 16.40 -9.90
N SER A 171 -12.26 17.17 -9.42
CA SER A 171 -12.55 18.47 -10.00
C SER A 171 -11.37 19.45 -9.92
N GLY A 172 -10.46 19.27 -8.97
CA GLY A 172 -9.29 20.13 -8.88
C GLY A 172 -8.27 19.80 -9.94
N MET A 173 -7.16 20.55 -9.91
CA MET A 173 -6.27 20.53 -11.06
C MET A 173 -5.48 19.22 -11.16
N ILE A 174 -5.01 18.70 -10.03
CA ILE A 174 -4.26 17.44 -10.07
C ILE A 174 -5.16 16.29 -10.51
N GLY A 175 -6.39 16.25 -10.01
CA GLY A 175 -7.30 15.17 -10.37
C GLY A 175 -7.79 15.24 -11.81
N THR A 176 -8.11 16.44 -12.29
CA THR A 176 -8.48 16.60 -13.69
C THR A 176 -7.33 16.27 -14.62
N LEU A 177 -6.11 16.73 -14.28
CA LEU A 177 -4.94 16.39 -15.08
C LEU A 177 -4.74 14.88 -15.14
N VAL A 178 -4.81 14.22 -13.98
CA VAL A 178 -4.58 12.77 -13.94
C VAL A 178 -5.63 12.05 -14.79
N GLY A 179 -6.91 12.39 -14.57
CA GLY A 179 -7.98 11.69 -15.28
C GLY A 179 -7.89 11.84 -16.78
N GLN A 180 -7.58 13.05 -17.25
CA GLN A 180 -7.48 13.30 -18.69
C GLN A 180 -6.35 12.50 -19.31
N MET A 181 -5.24 12.35 -18.60
CA MET A 181 -4.17 11.52 -19.10
C MET A 181 -4.61 10.07 -19.14
N ALA A 182 -5.48 9.69 -18.21
CA ALA A 182 -6.03 8.33 -18.20
C ALA A 182 -6.99 8.12 -19.35
N LYS A 183 -7.83 9.12 -19.64
CA LYS A 183 -8.65 9.04 -20.84
C LYS A 183 -7.77 8.91 -22.08
N ARG A 184 -6.63 9.57 -22.08
CA ARG A 184 -5.80 9.54 -23.27
C ARG A 184 -5.10 8.20 -23.46
N ALA A 185 -4.80 7.49 -22.37
CA ALA A 185 -4.17 6.18 -22.43
C ALA A 185 -5.18 5.02 -22.58
N GLY A 186 -6.46 5.35 -22.79
CA GLY A 186 -7.47 4.33 -23.06
C GLY A 186 -8.26 3.86 -21.88
N ALA A 187 -8.41 4.68 -20.84
CA ALA A 187 -9.05 4.23 -19.61
C ALA A 187 -10.45 4.78 -19.49
N ARG A 188 -11.31 3.97 -18.92
CA ARG A 188 -12.55 4.48 -18.37
C ARG A 188 -12.21 5.26 -17.11
N VAL A 189 -12.71 6.48 -17.01
CA VAL A 189 -12.39 7.36 -15.91
C VAL A 189 -13.64 7.60 -15.08
N VAL A 190 -13.52 7.40 -13.78
CA VAL A 190 -14.58 7.69 -12.85
C VAL A 190 -14.02 8.74 -11.90
N GLY A 191 -14.78 9.82 -11.70
CA GLY A 191 -14.37 10.90 -10.83
C GLY A 191 -15.44 11.17 -9.80
N THR A 192 -15.13 12.12 -8.90
CA THR A 192 -16.03 12.47 -7.81
C THR A 192 -16.09 13.98 -7.64
N ALA A 193 -17.30 14.50 -7.51
CA ALA A 193 -17.51 15.94 -7.41
C ALA A 193 -18.49 16.22 -6.27
N GLY A 194 -18.59 17.49 -5.89
CA GLY A 194 -19.40 17.85 -4.74
C GLY A 194 -20.70 18.56 -5.08
N SER A 195 -20.84 18.98 -6.33
CA SER A 195 -21.98 19.72 -6.81
C SER A 195 -22.27 19.36 -8.26
N ALA A 196 -23.46 19.74 -8.72
CA ALA A 196 -23.80 19.56 -10.14
C ALA A 196 -22.91 20.39 -11.03
N GLY A 197 -22.51 21.58 -10.57
CA GLY A 197 -21.65 22.45 -11.37
C GLY A 197 -20.31 21.80 -11.67
N LYS A 198 -19.66 21.28 -10.66
CA LYS A 198 -18.40 20.59 -10.87
C LYS A 198 -18.63 19.29 -11.60
N ALA A 199 -19.76 18.65 -11.36
CA ALA A 199 -20.04 17.36 -11.98
C ALA A 199 -20.14 17.47 -13.51
N ARG A 200 -20.83 18.49 -14.02
CA ARG A 200 -20.90 18.66 -15.47
C ARG A 200 -19.57 19.17 -16.03
N TYR A 201 -18.83 19.97 -15.25
CA TYR A 201 -17.50 20.41 -15.67
C TYR A 201 -16.56 19.24 -15.89
N LEU A 202 -16.52 18.30 -14.92
CA LEU A 202 -15.69 17.11 -15.06
C LEU A 202 -16.18 16.24 -16.22
N SER A 203 -17.48 16.29 -16.49
CA SER A 203 -18.04 15.56 -17.62
C SER A 203 -17.47 16.06 -18.94
N GLN A 204 -17.50 17.38 -19.18
CA GLN A 204 -16.87 17.98 -20.35
C GLN A 204 -15.46 17.47 -20.56
N LEU A 205 -14.64 17.51 -19.50
CA LEU A 205 -13.25 17.11 -19.65
C LEU A 205 -13.12 15.65 -20.09
N GLY A 206 -14.18 14.85 -19.91
CA GLY A 206 -14.21 13.51 -20.45
C GLY A 206 -14.38 12.41 -19.42
N PHE A 207 -14.62 12.77 -18.16
CA PHE A 207 -14.91 11.76 -17.14
C PHE A 207 -16.18 10.98 -17.51
N ASP A 208 -16.04 9.67 -17.71
CA ASP A 208 -17.19 8.88 -18.11
C ASP A 208 -18.27 8.84 -17.04
N ALA A 209 -17.90 8.98 -15.77
CA ALA A 209 -18.87 8.93 -14.69
C ALA A 209 -18.36 9.79 -13.55
N VAL A 210 -19.27 10.53 -12.92
CA VAL A 210 -18.97 11.38 -11.78
C VAL A 210 -19.97 11.06 -10.68
N ILE A 211 -19.46 10.89 -9.46
CA ILE A 211 -20.25 10.50 -8.29
C ILE A 211 -20.33 11.70 -7.35
N ASP A 212 -21.52 11.98 -6.84
CA ASP A 212 -21.73 13.08 -5.90
C ASP A 212 -21.42 12.57 -4.51
N TYR A 213 -20.21 12.85 -4.02
CA TYR A 213 -19.82 12.37 -2.71
C TYR A 213 -20.67 12.99 -1.59
N LYS A 214 -21.22 14.18 -1.82
CA LYS A 214 -22.06 14.76 -0.77
C LYS A 214 -23.42 14.07 -0.72
N LEU A 215 -23.98 13.75 -1.90
CA LEU A 215 -25.22 12.95 -1.92
C LEU A 215 -24.99 11.58 -1.28
N ALA A 216 -23.79 11.02 -1.43
CA ALA A 216 -23.44 9.72 -0.88
C ALA A 216 -22.60 9.93 0.38
N ASP A 217 -23.27 10.52 1.37
CA ASP A 217 -22.73 10.68 2.72
C ASP A 217 -22.31 9.34 3.29
N ASP A 218 -23.06 8.29 2.98
CA ASP A 218 -22.83 6.93 3.46
C ASP A 218 -21.68 6.26 2.69
N ALA A 219 -20.97 5.36 3.39
CA ALA A 219 -19.92 4.61 2.74
C ALA A 219 -20.50 3.42 1.95
N ASP A 220 -21.66 2.93 2.38
CA ASP A 220 -22.37 1.93 1.60
C ASP A 220 -22.98 2.55 0.35
N LYS A 221 -23.70 3.65 0.53
CA LYS A 221 -24.30 4.34 -0.61
C LYS A 221 -23.23 4.81 -1.59
N MET A 222 -22.03 5.10 -1.10
CA MET A 222 -20.88 5.39 -1.96
C MET A 222 -20.40 4.13 -2.66
N ARG A 223 -20.49 2.97 -1.99
CA ARG A 223 -20.08 1.71 -2.62
C ARG A 223 -21.04 1.30 -3.74
N GLU A 224 -22.30 1.74 -3.68
CA GLU A 224 -23.24 1.38 -4.75
C GLU A 224 -23.02 2.26 -5.98
N ALA A 225 -22.95 3.57 -5.77
CA ALA A 225 -22.59 4.50 -6.84
C ALA A 225 -21.32 4.06 -7.53
N LEU A 226 -20.36 3.56 -6.75
CA LEU A 226 -19.12 3.05 -7.29
C LEU A 226 -19.31 1.73 -8.03
N ARG A 227 -20.12 0.82 -7.48
CA ARG A 227 -20.36 -0.47 -8.16
C ARG A 227 -20.98 -0.28 -9.54
N GLU A 228 -21.87 0.69 -9.70
CA GLU A 228 -22.47 0.89 -11.02
C GLU A 228 -21.57 1.73 -11.93
N ALA A 229 -20.90 2.75 -11.38
CA ALA A 229 -20.06 3.61 -12.21
C ALA A 229 -18.85 2.84 -12.76
N ALA A 230 -18.31 1.90 -11.96
CA ALA A 230 -17.17 1.06 -12.36
C ALA A 230 -17.67 -0.38 -12.35
N PRO A 231 -18.37 -0.80 -13.40
CA PRO A 231 -19.02 -2.13 -13.36
C PRO A 231 -18.04 -3.28 -13.40
N ASP A 232 -16.82 -3.06 -13.88
CA ASP A 232 -15.84 -4.13 -14.02
C ASP A 232 -14.69 -4.03 -13.01
N GLY A 233 -14.78 -3.12 -12.05
CA GLY A 233 -13.77 -3.03 -11.01
C GLY A 233 -12.81 -1.88 -11.23
N VAL A 234 -12.10 -1.52 -10.16
CA VAL A 234 -11.14 -0.42 -10.23
C VAL A 234 -9.78 -1.02 -10.51
N ASP A 235 -9.09 -0.47 -11.51
CA ASP A 235 -7.72 -0.87 -11.80
C ASP A 235 -6.68 0.14 -11.36
N LYS A 236 -7.03 1.43 -11.35
CA LYS A 236 -6.16 2.48 -10.84
C LYS A 236 -7.00 3.44 -10.01
N TYR A 237 -6.51 3.78 -8.81
CA TYR A 237 -7.15 4.75 -7.93
C TYR A 237 -6.18 5.89 -7.66
N PHE A 238 -6.52 7.10 -8.09
CA PHE A 238 -5.76 8.27 -7.69
C PHE A 238 -6.53 8.98 -6.58
N ASP A 239 -6.02 8.87 -5.35
CA ASP A 239 -6.78 9.22 -4.15
C ASP A 239 -6.27 10.49 -3.53
N SER A 240 -7.14 11.50 -3.46
CA SER A 240 -6.86 12.71 -2.72
C SER A 240 -7.74 12.88 -1.49
N ILE A 241 -8.79 12.08 -1.34
CA ILE A 241 -9.82 12.32 -0.36
C ILE A 241 -9.72 11.36 0.82
N GLY A 242 -9.62 10.07 0.55
CA GLY A 242 -9.61 9.11 1.63
C GLY A 242 -11.01 8.90 2.20
N GLY A 243 -11.08 8.64 3.50
CA GLY A 243 -12.38 8.51 4.14
C GLY A 243 -13.21 7.40 3.54
N SER A 244 -14.52 7.65 3.41
CA SER A 244 -15.43 6.58 3.03
C SER A 244 -15.37 6.23 1.55
N VAL A 245 -14.84 7.11 0.69
CA VAL A 245 -14.74 6.75 -0.71
C VAL A 245 -13.58 5.80 -0.94
N THR A 246 -12.45 6.01 -0.27
CA THR A 246 -11.38 5.02 -0.41
C THR A 246 -11.79 3.69 0.22
N ASP A 247 -12.52 3.74 1.34
CA ASP A 247 -13.12 2.51 1.87
C ASP A 247 -13.97 1.83 0.82
N ALA A 248 -14.71 2.62 0.03
CA ALA A 248 -15.53 2.04 -1.02
C ALA A 248 -14.68 1.48 -2.17
N VAL A 249 -13.73 2.27 -2.68
CA VAL A 249 -12.92 1.83 -3.82
C VAL A 249 -12.09 0.61 -3.46
N PHE A 250 -11.61 0.55 -2.22
CA PHE A 250 -10.78 -0.59 -1.84
C PHE A 250 -11.57 -1.90 -1.78
N SER A 251 -12.89 -1.83 -1.70
CA SER A 251 -13.71 -3.04 -1.69
C SER A 251 -13.93 -3.62 -3.08
N MET A 252 -13.37 -3.00 -4.13
CA MET A 252 -13.60 -3.41 -5.51
C MET A 252 -12.34 -3.35 -6.34
N LEU A 253 -11.18 -3.72 -5.75
CA LEU A 253 -9.91 -3.65 -6.46
C LEU A 253 -9.71 -4.85 -7.36
N ASN A 254 -9.46 -4.61 -8.65
CA ASN A 254 -9.13 -5.68 -9.57
C ASN A 254 -7.75 -6.25 -9.26
N VAL A 255 -7.41 -7.40 -9.86
CA VAL A 255 -6.07 -7.93 -9.72
C VAL A 255 -5.07 -7.00 -10.38
N GLY A 256 -3.92 -6.82 -9.74
CA GLY A 256 -2.85 -6.04 -10.33
C GLY A 256 -3.06 -4.54 -10.26
N SER A 257 -4.00 -4.09 -9.45
CA SER A 257 -4.35 -2.70 -9.40
C SER A 257 -3.26 -1.91 -8.70
N GLN A 258 -3.34 -0.58 -8.85
CA GLN A 258 -2.38 0.36 -8.28
C GLN A 258 -3.16 1.53 -7.70
N VAL A 259 -3.04 1.73 -6.38
CA VAL A 259 -3.58 2.91 -5.70
C VAL A 259 -2.44 3.90 -5.60
N ALA A 260 -2.75 5.19 -5.71
CA ALA A 260 -1.80 6.27 -5.47
C ALA A 260 -2.43 7.18 -4.43
N VAL A 261 -1.95 7.09 -3.20
CA VAL A 261 -2.38 8.00 -2.13
C VAL A 261 -1.59 9.30 -2.26
N CYS A 262 -2.30 10.38 -2.56
CA CYS A 262 -1.72 11.68 -2.83
C CYS A 262 -1.96 12.69 -1.71
N TRP A 263 -3.17 12.73 -1.17
CA TRP A 263 -3.52 13.45 0.03
C TRP A 263 -4.70 12.70 0.65
N GLN A 264 -5.12 13.12 1.84
CA GLN A 264 -6.27 12.44 2.47
C GLN A 264 -7.19 13.51 3.08
N TRP A 265 -7.89 14.25 2.20
CA TRP A 265 -8.75 15.33 2.64
C TRP A 265 -9.63 14.90 3.81
N ALA A 266 -10.19 13.69 3.72
CA ALA A 266 -11.18 13.29 4.71
C ALA A 266 -10.60 13.15 6.10
N THR A 267 -9.29 12.95 6.23
CA THR A 267 -8.70 12.85 7.56
C THR A 267 -8.05 14.15 8.03
N GLN A 268 -7.32 14.87 7.16
CA GLN A 268 -6.78 16.17 7.52
C GLN A 268 -7.88 17.15 7.88
N VAL A 269 -8.77 17.42 6.91
CA VAL A 269 -9.72 18.51 7.07
C VAL A 269 -10.92 18.07 7.92
N GLN A 270 -11.51 16.92 7.63
CA GLN A 270 -12.77 16.51 8.26
C GLN A 270 -12.58 15.44 9.33
N ARG A 271 -11.34 15.07 9.61
CA ARG A 271 -10.97 14.37 10.83
C ARG A 271 -11.58 12.95 10.95
N ASP A 272 -11.58 12.21 9.83
CA ASP A 272 -12.00 10.81 9.79
C ASP A 272 -10.80 9.97 10.22
N TYR A 273 -10.55 9.92 11.52
CA TYR A 273 -9.33 9.28 12.00
C TYR A 273 -9.46 7.77 12.21
N HIS A 274 -10.66 7.21 12.21
CA HIS A 274 -10.85 5.79 12.47
C HIS A 274 -11.87 5.25 11.49
N GLY A 275 -11.61 4.05 10.95
CA GLY A 275 -12.48 3.46 9.98
C GLY A 275 -12.13 2.00 9.76
N PRO A 276 -12.81 1.35 8.82
CA PRO A 276 -12.46 -0.03 8.47
C PRO A 276 -11.04 -0.18 7.96
N ARG A 277 -10.39 -1.26 8.39
CA ARG A 277 -9.05 -1.57 7.94
C ARG A 277 -9.06 -1.90 6.45
N LEU A 278 -8.23 -1.21 5.68
CA LEU A 278 -8.23 -1.42 4.24
C LEU A 278 -7.23 -2.47 3.80
N LEU A 279 -6.23 -2.78 4.62
CA LEU A 279 -5.17 -3.68 4.16
C LEU A 279 -5.63 -5.09 3.84
N PRO A 280 -6.60 -5.68 4.55
CA PRO A 280 -7.05 -7.02 4.13
C PRO A 280 -7.52 -7.08 2.70
N TYR A 281 -8.07 -6.00 2.16
CA TYR A 281 -8.61 -6.06 0.81
C TYR A 281 -7.55 -6.16 -0.28
N ILE A 282 -6.27 -5.91 0.03
CA ILE A 282 -5.26 -5.85 -1.01
C ILE A 282 -4.51 -7.16 -1.18
N MET A 283 -4.84 -8.19 -0.39
CA MET A 283 -4.04 -9.42 -0.43
C MET A 283 -4.32 -10.26 -1.67
N PHE A 284 -5.58 -10.64 -1.90
CA PHE A 284 -5.83 -11.41 -3.12
C PHE A 284 -5.53 -10.62 -4.39
N PRO A 285 -5.94 -9.35 -4.55
CA PRO A 285 -5.67 -8.67 -5.83
C PRO A 285 -4.21 -8.36 -6.09
N ARG A 286 -3.31 -8.62 -5.12
CA ARG A 286 -1.93 -8.17 -5.20
C ARG A 286 -1.87 -6.70 -5.59
N ALA A 287 -2.66 -5.93 -4.87
CA ALA A 287 -2.72 -4.50 -5.12
C ALA A 287 -1.47 -3.80 -4.59
N THR A 288 -1.01 -2.79 -5.33
CA THR A 288 0.12 -1.97 -4.91
C THR A 288 -0.37 -0.56 -4.62
N ILE A 289 -0.38 -0.19 -3.34
CA ILE A 289 -0.64 1.16 -2.89
C ILE A 289 0.68 1.87 -2.79
N ARG A 290 0.73 3.12 -3.24
CA ARG A 290 1.95 3.91 -3.15
C ARG A 290 1.63 5.34 -2.75
N GLY A 291 2.32 5.82 -1.74
CA GLY A 291 2.18 7.21 -1.36
C GLY A 291 2.93 8.13 -2.31
N ILE A 292 2.38 9.29 -2.53
CA ILE A 292 2.93 10.26 -3.46
C ILE A 292 3.41 11.47 -2.68
N PHE A 293 4.67 11.88 -2.89
CA PHE A 293 5.18 13.08 -2.26
C PHE A 293 6.07 13.73 -3.32
N SER A 294 5.41 14.44 -4.25
CA SER A 294 6.02 14.76 -5.53
C SER A 294 7.29 15.55 -5.42
N LEU A 295 7.62 16.11 -4.25
CA LEU A 295 8.91 16.79 -4.10
C LEU A 295 10.05 15.91 -4.59
N GLU A 296 9.95 14.61 -4.46
CA GLU A 296 11.05 13.74 -4.86
C GLU A 296 11.38 13.89 -6.31
N TRP A 297 10.43 14.35 -7.09
CA TRP A 297 10.57 14.46 -8.52
C TRP A 297 11.01 15.85 -8.97
N PHE A 298 11.32 16.76 -8.03
CA PHE A 298 11.73 18.12 -8.37
C PHE A 298 13.20 18.10 -8.75
N THR A 299 13.46 17.66 -9.99
CA THR A 299 14.77 17.67 -10.58
C THR A 299 14.73 18.29 -11.98
N GLU A 300 15.91 18.64 -12.49
CA GLU A 300 15.97 19.40 -13.73
C GLU A 300 15.42 18.59 -14.90
N GLN A 301 15.86 17.34 -15.06
CA GLN A 301 15.36 16.53 -16.16
C GLN A 301 13.85 16.41 -16.10
N ASN A 302 13.30 16.19 -14.90
CA ASN A 302 11.86 16.06 -14.76
C ASN A 302 11.15 17.35 -15.20
N TRP A 303 11.68 18.51 -14.80
CA TRP A 303 11.05 19.76 -15.22
C TRP A 303 11.09 19.90 -16.75
N SER A 304 12.22 19.53 -17.36
CA SER A 304 12.30 19.52 -18.81
C SER A 304 11.20 18.67 -19.42
N ALA A 305 11.14 17.39 -19.04
CA ALA A 305 10.14 16.51 -19.61
C ALA A 305 8.74 17.07 -19.40
N LEU A 306 8.46 17.62 -18.22
CA LEU A 306 7.12 18.13 -17.92
C LEU A 306 6.74 19.25 -18.87
N HIS A 307 7.70 20.01 -19.33
CA HIS A 307 7.38 21.03 -20.28
C HIS A 307 7.11 20.44 -21.64
N GLU A 308 8.05 19.68 -22.17
CA GLU A 308 7.88 19.14 -23.52
C GLU A 308 6.64 18.26 -23.60
N GLU A 309 6.64 17.17 -22.83
CA GLU A 309 5.54 16.21 -22.88
C GLU A 309 4.20 16.89 -22.61
N LEU A 310 4.06 17.47 -21.42
CA LEU A 310 2.76 18.02 -21.00
C LEU A 310 2.46 19.38 -21.62
N GLY A 311 3.44 20.30 -21.63
CA GLY A 311 3.18 21.65 -22.08
C GLY A 311 2.63 21.72 -23.50
N GLY A 312 3.14 20.89 -24.40
CA GLY A 312 2.59 20.84 -25.74
C GLY A 312 1.10 20.59 -25.74
N LEU A 313 0.68 19.53 -25.06
CA LEU A 313 -0.73 19.17 -25.01
C LEU A 313 -1.57 20.32 -24.49
N VAL A 314 -1.07 21.06 -23.49
CA VAL A 314 -1.84 22.17 -22.95
C VAL A 314 -1.99 23.28 -24.00
N ARG A 315 -0.88 23.69 -24.63
CA ARG A 315 -1.03 24.78 -25.60
C ARG A 315 -1.80 24.36 -26.85
N ARG A 316 -1.85 23.07 -27.17
CA ARG A 316 -2.56 22.60 -28.35
C ARG A 316 -3.98 22.17 -28.04
N GLN A 317 -4.51 22.59 -26.88
CA GLN A 317 -5.87 22.31 -26.44
C GLN A 317 -6.16 20.83 -26.25
N GLU A 318 -5.14 19.98 -26.22
CA GLU A 318 -5.37 18.56 -25.99
C GLU A 318 -5.51 18.23 -24.52
N LEU A 319 -5.12 19.16 -23.66
CA LEU A 319 -5.22 18.95 -22.23
C LEU A 319 -5.65 20.25 -21.58
N VAL A 320 -6.76 20.22 -20.85
CA VAL A 320 -7.25 21.40 -20.16
C VAL A 320 -6.51 21.52 -18.84
N ALA A 321 -6.04 22.73 -18.54
CA ALA A 321 -5.30 23.05 -17.32
C ALA A 321 -5.84 24.40 -16.89
N HIS A 322 -6.91 24.40 -16.11
CA HIS A 322 -7.56 25.65 -15.76
C HIS A 322 -6.90 26.29 -14.54
N GLU A 323 -7.06 27.61 -14.42
CA GLU A 323 -6.54 28.33 -13.28
C GLU A 323 -7.42 29.54 -12.98
N THR A 324 -7.53 29.84 -11.69
CA THR A 324 -8.34 30.94 -11.20
C THR A 324 -7.40 31.87 -10.42
N VAL A 325 -7.00 32.97 -11.06
CA VAL A 325 -6.02 33.91 -10.52
C VAL A 325 -6.75 35.14 -9.99
N GLN A 326 -7.01 35.16 -8.69
CA GLN A 326 -7.34 36.40 -8.02
C GLN A 326 -6.14 37.35 -8.06
N ASP A 327 -6.38 38.59 -7.65
CA ASP A 327 -5.32 39.57 -7.65
C ASP A 327 -5.32 40.33 -6.36
N GLY A 328 -4.16 40.78 -5.94
CA GLY A 328 -4.00 41.56 -4.72
C GLY A 328 -3.46 40.81 -3.52
N PHE A 329 -2.34 41.26 -2.94
CA PHE A 329 -1.79 40.55 -1.79
C PHE A 329 -2.80 40.49 -0.63
N GLU A 330 -3.59 41.55 -0.46
CA GLU A 330 -4.54 41.60 0.65
C GLU A 330 -5.57 40.47 0.59
N HIS A 331 -5.83 39.90 -0.58
CA HIS A 331 -6.93 38.95 -0.74
C HIS A 331 -6.48 37.49 -0.69
N ILE A 332 -5.24 37.23 -0.28
CA ILE A 332 -4.73 35.86 -0.27
C ILE A 332 -5.56 34.93 0.62
N PRO A 333 -5.86 35.26 1.88
CA PRO A 333 -6.66 34.32 2.68
C PRO A 333 -8.08 34.23 2.19
N ALA A 334 -8.63 35.32 1.67
CA ALA A 334 -9.91 35.24 0.99
C ALA A 334 -9.85 34.15 -0.09
N ALA A 335 -8.83 34.23 -0.95
CA ALA A 335 -8.70 33.26 -2.03
C ALA A 335 -8.57 31.85 -1.50
N TYR A 336 -7.82 31.67 -0.42
CA TYR A 336 -7.64 30.35 0.18
C TYR A 336 -8.98 29.78 0.68
N GLN A 337 -9.83 30.63 1.27
CA GLN A 337 -11.08 30.14 1.87
C GLN A 337 -11.99 29.51 0.83
N THR A 338 -11.88 29.92 -0.43
CA THR A 338 -12.75 29.42 -1.48
C THR A 338 -12.55 27.93 -1.72
N LEU A 339 -11.36 27.42 -1.41
CA LEU A 339 -11.09 26.00 -1.58
C LEU A 339 -12.00 25.14 -0.74
N PHE A 340 -12.44 25.62 0.42
CA PHE A 340 -13.34 24.84 1.24
C PHE A 340 -14.80 25.20 1.06
N SER A 341 -15.08 26.29 0.33
CA SER A 341 -16.45 26.70 0.01
C SER A 341 -17.07 25.78 -1.03
N ALA A 342 -18.34 25.47 -0.81
CA ALA A 342 -19.11 24.59 -1.66
C ALA A 342 -19.47 25.20 -3.02
N SER A 343 -19.26 26.50 -3.23
CA SER A 343 -19.56 27.10 -4.53
C SER A 343 -18.79 26.41 -5.66
N GLU A 344 -19.35 26.50 -6.87
CA GLU A 344 -18.79 25.87 -8.06
C GLU A 344 -17.88 26.82 -8.81
N SER A 345 -17.19 27.71 -8.09
CA SER A 345 -16.49 28.83 -8.68
C SER A 345 -15.04 28.54 -9.04
N ASN A 346 -14.51 27.38 -8.67
CA ASN A 346 -13.11 27.10 -8.92
C ASN A 346 -13.00 26.19 -10.14
N ARG A 347 -12.09 26.54 -11.03
CA ARG A 347 -11.70 25.66 -12.12
C ARG A 347 -10.17 25.61 -12.05
N GLY A 348 -9.64 24.40 -11.95
CA GLY A 348 -8.20 24.33 -11.88
C GLY A 348 -7.62 24.96 -10.61
N LYS A 349 -6.36 25.36 -10.76
CA LYS A 349 -5.54 25.84 -9.67
C LYS A 349 -5.94 27.26 -9.31
N VAL A 350 -5.82 27.60 -8.03
CA VAL A 350 -6.12 28.95 -7.56
C VAL A 350 -4.81 29.64 -7.18
N LEU A 351 -4.58 30.83 -7.75
CA LEU A 351 -3.38 31.60 -7.46
C LEU A 351 -3.79 33.03 -7.11
N VAL A 352 -2.88 33.72 -6.44
CA VAL A 352 -3.00 35.15 -6.20
C VAL A 352 -1.81 35.83 -6.85
N ARG A 353 -2.06 36.93 -7.55
CA ARG A 353 -1.05 37.81 -8.13
C ARG A 353 -0.90 39.04 -7.26
N VAL A 354 0.33 39.51 -7.09
CA VAL A 354 0.58 40.57 -6.10
C VAL A 354 0.90 41.92 -6.72
N LEU B 1 -17.93 -51.92 -9.99
CA LEU B 1 -16.69 -52.57 -10.40
C LEU B 1 -15.58 -52.35 -9.35
N GLY B 2 -15.18 -51.11 -9.17
CA GLY B 2 -14.22 -50.77 -8.13
C GLY B 2 -14.72 -49.66 -7.24
N SER B 3 -14.51 -49.85 -5.93
CA SER B 3 -14.77 -48.83 -4.93
C SER B 3 -13.71 -49.01 -3.85
N MET B 4 -13.75 -48.12 -2.86
CA MET B 4 -12.70 -48.04 -1.84
C MET B 4 -13.24 -47.32 -0.64
N LYS B 5 -12.85 -47.77 0.55
CA LYS B 5 -13.23 -47.08 1.78
C LYS B 5 -12.20 -46.00 2.08
N THR B 6 -12.65 -44.76 2.34
CA THR B 6 -11.72 -43.66 2.62
C THR B 6 -12.28 -42.81 3.76
N GLU B 7 -11.42 -42.40 4.68
CA GLU B 7 -11.87 -41.52 5.74
C GLU B 7 -11.72 -40.08 5.27
N ARG B 8 -12.64 -39.23 5.67
CA ARG B 8 -12.57 -37.82 5.34
C ARG B 8 -12.98 -37.02 6.57
N TRP B 9 -12.29 -35.90 6.78
CA TRP B 9 -12.71 -34.91 7.75
C TRP B 9 -13.60 -33.90 7.03
N VAL B 10 -14.85 -33.82 7.46
CA VAL B 10 -15.82 -32.92 6.85
C VAL B 10 -16.15 -31.81 7.85
N VAL B 11 -16.76 -30.75 7.33
CA VAL B 11 -17.07 -29.56 8.12
C VAL B 11 -18.46 -29.74 8.73
N ARG B 12 -18.52 -29.89 10.04
CA ARG B 12 -19.79 -30.09 10.72
C ARG B 12 -20.51 -28.78 11.00
N GLU B 13 -19.79 -27.80 11.52
CA GLU B 13 -20.41 -26.51 11.85
C GLU B 13 -19.41 -25.36 11.66
N HIS B 14 -19.94 -24.20 11.25
CA HIS B 14 -19.13 -22.99 11.09
C HIS B 14 -19.13 -22.23 12.40
N VAL B 15 -17.95 -21.97 12.96
CA VAL B 15 -17.79 -21.24 14.22
C VAL B 15 -16.77 -20.15 13.99
N GLU B 16 -17.15 -18.89 14.27
CA GLU B 16 -16.24 -17.76 14.06
C GLU B 16 -15.29 -17.57 15.24
N GLY B 17 -14.16 -16.93 14.95
CA GLY B 17 -13.15 -16.73 15.95
C GLY B 17 -12.14 -17.86 15.91
N VAL B 18 -11.34 -17.91 16.97
CA VAL B 18 -10.38 -18.99 17.19
C VAL B 18 -11.15 -20.31 17.10
N PRO B 19 -10.81 -21.19 16.17
CA PRO B 19 -11.69 -22.34 15.89
C PRO B 19 -11.69 -23.35 17.02
N ASP B 20 -12.81 -24.06 17.13
CA ASP B 20 -12.94 -25.24 17.98
C ASP B 20 -12.92 -26.43 17.02
N ALA B 21 -11.73 -27.03 16.89
CA ALA B 21 -11.53 -28.05 15.87
C ALA B 21 -12.33 -29.31 16.16
N ALA B 22 -12.37 -29.72 17.43
CA ALA B 22 -13.12 -30.90 17.81
C ALA B 22 -14.61 -30.71 17.53
N ARG B 23 -15.08 -29.46 17.58
CA ARG B 23 -16.47 -29.13 17.33
C ARG B 23 -16.76 -28.89 15.86
N ILE B 24 -15.80 -28.34 15.12
CA ILE B 24 -16.09 -28.00 13.74
C ILE B 24 -15.96 -29.23 12.84
N TYR B 25 -15.07 -30.15 13.17
CA TYR B 25 -14.66 -31.20 12.24
C TYR B 25 -15.12 -32.58 12.67
N GLU B 26 -15.26 -33.48 11.70
CA GLU B 26 -15.86 -34.79 11.95
C GLU B 26 -15.30 -35.86 11.02
N LYS B 27 -14.76 -36.94 11.61
CA LYS B 27 -14.23 -38.05 10.82
C LYS B 27 -15.38 -38.90 10.33
N VAL B 28 -15.48 -39.07 9.00
CA VAL B 28 -16.50 -39.90 8.38
C VAL B 28 -15.80 -40.97 7.53
N GLU B 29 -16.54 -42.09 7.30
CA GLU B 29 -16.18 -43.13 6.34
C GLU B 29 -16.88 -42.81 5.02
N THR B 30 -16.16 -42.96 3.91
CA THR B 30 -16.67 -42.52 2.61
C THR B 30 -16.26 -43.53 1.56
N GLU B 31 -17.24 -44.05 0.83
CA GLU B 31 -16.98 -45.04 -0.21
C GLU B 31 -16.60 -44.30 -1.51
N LEU B 32 -15.39 -44.55 -2.00
CA LEU B 32 -14.82 -43.80 -3.13
C LEU B 32 -14.86 -44.62 -4.41
N ASN B 33 -15.54 -44.11 -5.44
CA ASN B 33 -15.56 -44.81 -6.72
C ASN B 33 -14.19 -44.75 -7.38
N THR B 34 -13.58 -45.89 -7.60
CA THR B 34 -12.24 -45.90 -8.15
C THR B 34 -12.20 -46.16 -9.65
N ARG B 35 -13.36 -46.15 -10.31
CA ARG B 35 -13.39 -46.38 -11.75
C ARG B 35 -13.07 -45.06 -12.44
N LEU B 36 -11.78 -44.81 -12.66
CA LEU B 36 -11.26 -43.52 -13.10
C LEU B 36 -11.52 -43.25 -14.57
N GLY B 37 -11.76 -42.00 -14.90
CA GLY B 37 -11.81 -41.60 -16.29
C GLY B 37 -10.45 -41.66 -16.96
N GLU B 38 -10.45 -41.40 -18.27
CA GLU B 38 -9.25 -41.61 -19.07
C GLU B 38 -8.11 -40.66 -18.65
N GLU B 39 -8.41 -39.53 -18.02
CA GLU B 39 -7.35 -38.65 -17.58
C GLU B 39 -7.40 -38.36 -16.07
N GLN B 40 -8.25 -39.06 -15.31
CA GLN B 40 -8.30 -38.89 -13.85
C GLN B 40 -7.21 -39.72 -13.16
N MET B 41 -7.18 -39.65 -11.82
CA MET B 41 -6.18 -40.30 -11.00
C MET B 41 -6.71 -40.58 -9.60
N LEU B 42 -6.42 -41.78 -9.08
CA LEU B 42 -6.72 -42.12 -7.71
C LEU B 42 -5.48 -41.87 -6.86
N LEU B 43 -5.59 -41.00 -5.86
CA LEU B 43 -4.46 -40.50 -5.11
C LEU B 43 -4.57 -40.85 -3.63
N LYS B 44 -3.42 -41.14 -3.02
CA LYS B 44 -3.32 -41.44 -1.60
C LYS B 44 -2.60 -40.29 -0.90
N THR B 45 -3.22 -39.74 0.13
CA THR B 45 -2.58 -38.67 0.90
C THR B 45 -1.49 -39.22 1.80
N LEU B 46 -0.27 -38.69 1.66
CA LEU B 46 0.86 -39.05 2.54
C LEU B 46 1.06 -38.04 3.68
N TYR B 47 1.06 -36.74 3.37
CA TYR B 47 1.09 -35.69 4.38
C TYR B 47 0.04 -34.65 4.08
N VAL B 48 -0.47 -34.04 5.14
CA VAL B 48 -1.42 -32.93 5.04
C VAL B 48 -0.86 -31.75 5.82
N SER B 49 -1.19 -30.54 5.37
CA SER B 49 -0.80 -29.32 6.06
C SER B 49 -1.96 -28.74 6.85
N VAL B 50 -1.65 -28.22 8.03
CA VAL B 50 -2.61 -27.45 8.82
C VAL B 50 -2.09 -26.02 8.87
N ASP B 51 -2.92 -25.07 8.45
CA ASP B 51 -2.48 -23.69 8.24
C ASP B 51 -3.52 -22.74 8.81
N PRO B 52 -3.10 -21.66 9.47
CA PRO B 52 -4.10 -20.75 10.05
C PRO B 52 -5.08 -20.17 9.05
N TYR B 53 -4.69 -20.03 7.77
CA TYR B 53 -5.65 -19.53 6.79
C TYR B 53 -6.81 -20.49 6.57
N LEU B 54 -6.66 -21.78 6.94
CA LEU B 54 -7.76 -22.73 6.83
C LEU B 54 -8.98 -22.27 7.59
N GLN B 55 -8.79 -21.45 8.64
CA GLN B 55 -9.91 -20.85 9.36
C GLN B 55 -10.83 -20.10 8.43
N GLY B 56 -10.30 -19.48 7.39
CA GLY B 56 -11.13 -18.80 6.43
C GLY B 56 -11.80 -19.74 5.44
N ILE B 57 -11.05 -20.73 4.97
CA ILE B 57 -11.60 -21.71 4.03
C ILE B 57 -12.69 -22.53 4.70
N CYS B 58 -12.53 -22.82 6.00
CA CYS B 58 -13.52 -23.61 6.72
C CYS B 58 -14.86 -22.89 6.76
N LEU B 59 -14.83 -21.55 6.89
CA LEU B 59 -16.06 -20.77 6.92
C LEU B 59 -16.69 -20.65 5.55
N ASP B 60 -15.91 -20.83 4.49
CA ASP B 60 -16.40 -20.80 3.13
C ASP B 60 -16.61 -22.20 2.59
N THR B 61 -16.28 -23.21 3.39
CA THR B 61 -16.51 -24.58 2.97
C THR B 61 -17.97 -24.93 3.25
N PRO B 62 -18.77 -25.24 2.23
CA PRO B 62 -20.17 -25.61 2.46
C PRO B 62 -20.28 -26.74 3.48
N ILE B 63 -21.31 -26.69 4.33
CA ILE B 63 -21.46 -27.65 5.43
C ILE B 63 -21.54 -29.09 4.90
N GLY B 64 -20.72 -29.96 5.47
CA GLY B 64 -20.69 -31.35 5.12
C GLY B 64 -19.57 -31.73 4.17
N ASP B 65 -19.00 -30.77 3.47
CA ASP B 65 -17.94 -31.06 2.52
C ASP B 65 -16.62 -31.23 3.26
N HIS B 66 -15.62 -31.69 2.53
CA HIS B 66 -14.32 -31.93 3.14
C HIS B 66 -13.56 -30.66 3.34
N MET B 67 -12.68 -30.67 4.34
CA MET B 67 -11.88 -29.50 4.62
C MET B 67 -10.71 -29.45 3.69
N GLY B 68 -10.63 -28.39 2.91
CA GLY B 68 -9.49 -28.23 2.03
C GLY B 68 -8.19 -28.05 2.78
N ALA B 69 -7.09 -28.36 2.09
CA ALA B 69 -5.76 -28.29 2.70
C ALA B 69 -4.69 -28.64 1.69
N ASP B 70 -3.53 -27.99 1.79
CA ASP B 70 -2.37 -28.43 1.03
C ASP B 70 -1.97 -29.84 1.47
N SER B 71 -1.65 -30.69 0.52
CA SER B 71 -1.26 -32.05 0.87
C SER B 71 -0.18 -32.55 -0.09
N ILE B 72 0.48 -33.62 0.34
CA ILE B 72 1.38 -34.39 -0.51
C ILE B 72 0.74 -35.77 -0.71
N MET B 73 0.47 -36.14 -1.97
CA MET B 73 -0.28 -37.33 -2.33
C MET B 73 0.51 -38.18 -3.31
N GLN B 74 0.20 -39.49 -3.34
CA GLN B 74 0.84 -40.40 -4.28
C GLN B 74 -0.17 -41.01 -5.26
N VAL B 75 0.24 -41.21 -6.50
CA VAL B 75 -0.67 -41.69 -7.54
C VAL B 75 -0.81 -43.20 -7.38
N LEU B 76 -1.94 -43.65 -6.82
CA LEU B 76 -2.24 -45.08 -6.71
C LEU B 76 -2.54 -45.69 -8.06
N ASP B 77 -3.23 -44.96 -8.93
CA ASP B 77 -3.73 -45.49 -10.19
C ASP B 77 -4.23 -44.33 -11.02
N ALA B 78 -4.00 -44.42 -12.33
CA ALA B 78 -4.28 -43.31 -13.22
C ALA B 78 -4.78 -43.81 -14.58
N GLY B 79 -5.72 -43.08 -15.15
CA GLY B 79 -6.15 -43.34 -16.50
C GLY B 79 -5.06 -43.13 -17.54
N PRO B 80 -5.34 -43.53 -18.78
CA PRO B 80 -4.28 -43.51 -19.82
C PRO B 80 -3.86 -42.11 -20.26
N ASN B 81 -4.65 -41.08 -20.03
CA ASN B 81 -4.23 -39.71 -20.36
C ASN B 81 -4.05 -38.86 -19.12
N ALA B 82 -3.98 -39.49 -17.96
CA ALA B 82 -3.79 -38.74 -16.73
C ALA B 82 -2.50 -37.92 -16.83
N PRO B 83 -2.41 -36.79 -16.15
CA PRO B 83 -1.16 -36.02 -16.17
C PRO B 83 -0.02 -36.70 -15.43
N PHE B 84 -0.30 -37.70 -14.58
CA PHE B 84 0.75 -38.34 -13.79
C PHE B 84 0.51 -39.83 -13.76
N ARG B 85 1.60 -40.60 -13.75
CA ARG B 85 1.56 -42.06 -13.76
C ARG B 85 1.53 -42.59 -12.35
N PRO B 86 1.18 -43.85 -12.19
CA PRO B 86 1.17 -44.46 -10.85
C PRO B 86 2.55 -44.44 -10.20
N GLY B 87 2.57 -44.18 -8.90
CA GLY B 87 3.79 -44.08 -8.15
C GLY B 87 4.29 -42.66 -8.00
N ASP B 88 3.85 -41.78 -8.87
CA ASP B 88 4.27 -40.39 -8.87
C ASP B 88 3.78 -39.65 -7.63
N LEU B 89 4.67 -38.84 -7.05
CA LEU B 89 4.33 -37.95 -5.94
C LEU B 89 3.89 -36.60 -6.48
N VAL B 90 2.76 -36.10 -5.97
CA VAL B 90 2.25 -34.82 -6.44
C VAL B 90 1.89 -33.97 -5.24
N GLN B 91 1.84 -32.67 -5.46
CA GLN B 91 1.48 -31.71 -4.43
C GLN B 91 0.31 -30.87 -4.94
N GLY B 92 -0.71 -30.71 -4.11
CA GLY B 92 -1.88 -29.97 -4.53
C GLY B 92 -2.83 -29.86 -3.37
N PHE B 93 -3.98 -29.28 -3.64
CA PHE B 93 -4.94 -29.01 -2.57
C PHE B 93 -5.88 -30.20 -2.35
N GLY B 94 -5.27 -31.31 -1.92
CA GLY B 94 -6.00 -32.57 -1.81
C GLY B 94 -7.05 -32.58 -0.71
N GLY B 95 -6.75 -31.97 0.43
CA GLY B 95 -7.68 -31.86 1.52
C GLY B 95 -7.37 -32.85 2.63
N TRP B 96 -8.13 -32.73 3.73
CA TRP B 96 -8.04 -33.65 4.87
C TRP B 96 -8.82 -34.94 4.55
N ARG B 97 -8.26 -35.73 3.62
CA ARG B 97 -8.86 -36.97 3.16
C ARG B 97 -7.77 -38.01 2.98
N THR B 98 -8.12 -39.28 3.20
CA THR B 98 -7.12 -40.34 3.02
C THR B 98 -6.93 -40.71 1.57
N HIS B 99 -8.00 -40.74 0.79
CA HIS B 99 -7.90 -41.05 -0.62
C HIS B 99 -8.86 -40.13 -1.36
N LEU B 100 -8.56 -39.89 -2.64
CA LEU B 100 -9.34 -38.98 -3.46
C LEU B 100 -9.15 -39.32 -4.92
N VAL B 101 -10.05 -38.83 -5.75
CA VAL B 101 -9.90 -38.89 -7.20
C VAL B 101 -9.85 -37.46 -7.75
N SER B 102 -8.92 -37.20 -8.66
CA SER B 102 -8.79 -35.86 -9.23
C SER B 102 -8.18 -35.95 -10.62
N ASP B 103 -8.57 -34.98 -11.45
CA ASP B 103 -7.95 -34.74 -12.74
C ASP B 103 -6.70 -33.89 -12.64
N GLY B 104 -6.35 -33.45 -11.42
CA GLY B 104 -5.17 -32.65 -11.19
C GLY B 104 -5.23 -31.27 -11.79
N LYS B 105 -6.38 -30.85 -12.34
CA LYS B 105 -6.50 -29.60 -13.08
C LYS B 105 -6.80 -28.43 -12.17
N PRO B 106 -6.56 -27.21 -12.63
CA PRO B 106 -6.88 -26.05 -11.80
C PRO B 106 -8.36 -25.98 -11.49
N LYS B 107 -8.72 -26.29 -10.24
CA LYS B 107 -10.09 -26.14 -9.77
C LYS B 107 -10.31 -24.70 -9.32
N LEU B 108 -11.55 -24.24 -9.41
CA LEU B 108 -11.93 -22.90 -9.00
C LEU B 108 -12.67 -22.96 -7.68
N TRP B 109 -12.40 -21.99 -6.80
CA TRP B 109 -13.02 -21.91 -5.48
C TRP B 109 -14.21 -20.96 -5.58
N GLN B 110 -15.33 -21.51 -6.04
CA GLN B 110 -16.53 -20.72 -6.26
C GLN B 110 -16.99 -20.05 -4.97
N THR B 111 -17.06 -20.84 -3.90
CA THR B 111 -17.59 -20.44 -2.59
C THR B 111 -16.66 -19.49 -1.83
N GLY B 112 -15.84 -18.72 -2.54
CA GLY B 112 -14.87 -17.81 -1.93
C GLY B 112 -15.28 -16.36 -2.01
N THR B 113 -14.80 -15.57 -1.03
CA THR B 113 -14.95 -14.10 -1.08
C THR B 113 -14.45 -13.52 -2.39
N PHE B 114 -13.31 -13.99 -2.84
CA PHE B 114 -12.72 -13.63 -4.11
C PHE B 114 -12.64 -14.90 -4.95
N PRO B 115 -13.13 -14.89 -6.19
CA PRO B 115 -12.93 -16.05 -7.06
C PRO B 115 -11.45 -16.37 -7.13
N MET B 116 -11.10 -17.61 -6.81
CA MET B 116 -9.72 -18.01 -6.66
C MET B 116 -9.53 -19.35 -7.35
N VAL B 117 -8.47 -19.46 -8.13
CA VAL B 117 -8.18 -20.68 -8.85
C VAL B 117 -7.13 -21.48 -8.09
N PHE B 118 -7.50 -22.65 -7.58
CA PHE B 118 -6.51 -23.54 -7.00
C PHE B 118 -5.59 -24.09 -8.10
N PRO B 119 -4.29 -24.17 -7.84
CA PRO B 119 -3.37 -24.57 -8.90
C PRO B 119 -3.48 -26.06 -9.22
N ALA B 120 -3.22 -26.38 -10.47
CA ALA B 120 -3.09 -27.76 -10.87
C ALA B 120 -1.99 -28.41 -10.04
N TYR B 121 -2.11 -29.72 -9.84
CA TYR B 121 -1.14 -30.43 -9.00
C TYR B 121 0.24 -30.30 -9.64
N ARG B 122 1.28 -30.35 -8.81
CA ARG B 122 2.64 -30.32 -9.33
C ARG B 122 3.37 -31.62 -8.97
N LYS B 123 4.18 -32.10 -9.91
CA LYS B 123 4.84 -33.36 -9.66
C LYS B 123 6.05 -33.09 -8.78
N LEU B 124 6.29 -33.96 -7.81
CA LEU B 124 7.46 -33.85 -6.96
C LEU B 124 8.50 -34.83 -7.48
N ASP B 125 9.69 -34.32 -7.78
CA ASP B 125 10.81 -35.13 -8.24
C ASP B 125 11.73 -35.40 -7.05
N LEU B 126 11.84 -36.68 -6.69
CA LEU B 126 12.49 -37.06 -5.44
C LEU B 126 13.95 -36.67 -5.40
N ARG B 127 14.58 -36.45 -6.55
CA ARG B 127 15.98 -36.04 -6.53
C ARG B 127 16.18 -34.77 -5.70
N HIS B 128 15.15 -33.91 -5.65
CA HIS B 128 15.23 -32.60 -5.02
C HIS B 128 15.35 -32.68 -3.51
N TYR B 129 15.10 -33.82 -2.91
CA TYR B 129 14.92 -33.97 -1.48
C TYR B 129 16.04 -34.87 -0.93
N ASP B 130 16.36 -34.67 0.33
CA ASP B 130 17.34 -35.52 0.98
C ASP B 130 17.05 -35.46 2.48
N ASP B 131 18.01 -35.92 3.27
CA ASP B 131 17.77 -36.06 4.70
C ASP B 131 17.76 -34.71 5.42
N ALA B 132 18.26 -33.64 4.79
CA ALA B 132 18.20 -32.27 5.31
C ALA B 132 17.02 -31.46 4.77
N LEU B 133 16.50 -31.86 3.61
CA LEU B 133 15.35 -31.20 2.99
C LEU B 133 14.39 -32.31 2.57
N PRO B 134 13.73 -32.96 3.56
CA PRO B 134 12.96 -34.19 3.29
C PRO B 134 11.77 -33.97 2.37
N LEU B 135 11.06 -35.04 1.99
CA LEU B 135 9.91 -34.90 1.09
C LEU B 135 8.84 -33.98 1.68
N SER B 136 8.68 -33.96 3.01
CA SER B 136 7.71 -33.09 3.64
C SER B 136 8.02 -31.62 3.45
N THR B 137 9.21 -31.27 2.98
CA THR B 137 9.44 -29.84 2.75
C THR B 137 8.58 -29.29 1.61
N ALA B 138 7.98 -30.14 0.77
CA ALA B 138 7.11 -29.61 -0.27
C ALA B 138 5.84 -28.95 0.28
N LEU B 139 5.57 -29.06 1.58
CA LEU B 139 4.48 -28.29 2.17
C LEU B 139 5.01 -27.14 3.02
N GLY B 140 6.32 -26.90 2.99
CA GLY B 140 6.91 -25.86 3.82
C GLY B 140 7.94 -25.01 3.10
N VAL B 141 9.22 -25.23 3.43
CA VAL B 141 10.25 -24.36 2.87
C VAL B 141 10.39 -24.59 1.36
N MET B 142 9.99 -25.78 0.89
CA MET B 142 10.02 -26.14 -0.51
C MET B 142 8.63 -26.25 -1.12
N GLY B 143 7.69 -25.50 -0.56
CA GLY B 143 6.34 -25.41 -1.10
C GLY B 143 5.75 -24.05 -0.82
N GLY B 144 4.45 -24.03 -0.55
CA GLY B 144 3.70 -22.81 -0.42
C GLY B 144 4.35 -21.74 0.42
N PRO B 145 4.70 -22.08 1.65
CA PRO B 145 5.28 -21.05 2.54
C PRO B 145 6.63 -20.53 2.09
N GLY B 146 7.54 -21.44 1.72
CA GLY B 146 8.83 -21.02 1.20
C GLY B 146 8.71 -20.19 -0.06
N MET B 147 7.75 -20.53 -0.92
CA MET B 147 7.53 -19.73 -2.11
C MET B 147 7.04 -18.36 -1.75
N THR B 148 6.19 -18.24 -0.73
CA THR B 148 5.76 -16.93 -0.25
C THR B 148 6.96 -16.08 0.18
N ALA B 149 7.73 -16.59 1.13
CA ALA B 149 8.87 -15.85 1.68
C ALA B 149 9.88 -15.50 0.59
N TRP B 150 10.39 -16.51 -0.11
CA TRP B 150 11.36 -16.25 -1.18
C TRP B 150 10.76 -15.38 -2.28
N GLY B 151 9.47 -15.56 -2.58
CA GLY B 151 8.87 -14.74 -3.61
C GLY B 151 8.90 -13.27 -3.25
N THR B 152 8.48 -12.95 -2.03
CA THR B 152 8.45 -11.55 -1.60
C THR B 152 9.85 -10.94 -1.58
N MET B 153 10.84 -11.68 -1.07
CA MET B 153 12.20 -11.15 -0.96
C MET B 153 12.90 -11.07 -2.30
N THR B 154 12.51 -11.87 -3.29
CA THR B 154 13.17 -11.74 -4.58
C THR B 154 12.34 -10.99 -5.60
N LYS B 155 11.02 -10.91 -5.43
CA LYS B 155 10.22 -10.25 -6.44
C LYS B 155 9.62 -8.93 -5.98
N PHE B 156 9.83 -8.52 -4.72
CA PHE B 156 9.24 -7.25 -4.28
C PHE B 156 10.14 -6.44 -3.35
N MET B 157 10.56 -7.06 -2.26
CA MET B 157 11.37 -6.35 -1.30
C MET B 157 12.83 -6.35 -1.71
N GLN B 158 13.44 -5.18 -1.65
CA GLN B 158 14.87 -5.03 -1.85
C GLN B 158 15.41 -4.55 -0.51
N VAL B 159 16.04 -5.46 0.22
CA VAL B 159 16.61 -5.13 1.52
C VAL B 159 18.07 -4.79 1.29
N ARG B 160 18.40 -3.55 1.55
CA ARG B 160 19.72 -2.98 1.52
C ARG B 160 20.39 -3.16 2.88
N PRO B 161 21.70 -3.36 2.93
CA PRO B 161 22.38 -3.44 4.24
C PRO B 161 22.11 -2.19 5.06
N GLY B 162 21.69 -2.40 6.31
CA GLY B 162 21.36 -1.32 7.22
C GLY B 162 19.88 -1.17 7.50
N ASP B 163 19.03 -1.49 6.54
CA ASP B 163 17.58 -1.41 6.72
C ASP B 163 17.14 -2.14 8.00
N THR B 164 16.08 -1.64 8.63
CA THR B 164 15.43 -2.38 9.72
C THR B 164 14.17 -3.03 9.20
N VAL B 165 14.11 -4.35 9.28
CA VAL B 165 13.02 -5.14 8.75
C VAL B 165 12.20 -5.64 9.94
N VAL B 166 10.91 -5.36 9.93
CA VAL B 166 10.01 -5.81 10.99
C VAL B 166 9.15 -6.91 10.38
N VAL B 167 9.14 -8.07 11.03
CA VAL B 167 8.38 -9.23 10.57
C VAL B 167 7.40 -9.59 11.68
N SER B 168 6.11 -9.56 11.37
CA SER B 168 5.09 -9.87 12.37
C SER B 168 4.60 -11.29 12.20
N GLY B 169 4.22 -11.91 13.33
CA GLY B 169 4.00 -13.34 13.33
C GLY B 169 5.28 -14.05 12.93
N ALA B 170 6.40 -13.58 13.46
CA ALA B 170 7.67 -14.07 12.99
C ALA B 170 7.87 -15.53 13.35
N SER B 171 7.31 -15.98 14.47
CA SER B 171 7.62 -17.32 14.97
C SER B 171 7.25 -18.44 13.98
N GLY B 172 6.31 -18.19 13.07
CA GLY B 172 5.94 -19.19 12.10
C GLY B 172 6.93 -19.30 10.96
N MET B 173 6.61 -20.17 10.01
CA MET B 173 7.61 -20.52 9.01
C MET B 173 7.82 -19.43 7.97
N ILE B 174 6.76 -18.79 7.49
CA ILE B 174 6.99 -17.70 6.54
C ILE B 174 7.75 -16.56 7.23
N GLY B 175 7.36 -16.24 8.46
CA GLY B 175 8.01 -15.14 9.15
C GLY B 175 9.47 -15.40 9.47
N THR B 176 9.79 -16.61 9.95
CA THR B 176 11.19 -16.93 10.19
C THR B 176 11.97 -16.96 8.89
N LEU B 177 11.38 -17.50 7.82
CA LEU B 177 12.05 -17.48 6.52
C LEU B 177 12.38 -16.05 6.10
N VAL B 178 11.38 -15.17 6.15
CA VAL B 178 11.54 -13.79 5.70
C VAL B 178 12.64 -13.08 6.50
N GLY B 179 12.60 -13.22 7.83
CA GLY B 179 13.57 -12.52 8.66
C GLY B 179 15.00 -12.94 8.39
N GLN B 180 15.23 -14.24 8.20
CA GLN B 180 16.58 -14.75 7.97
C GLN B 180 17.13 -14.27 6.64
N MET B 181 16.29 -14.18 5.63
CA MET B 181 16.73 -13.60 4.36
C MET B 181 17.00 -12.10 4.49
N ALA B 182 16.25 -11.39 5.34
CA ALA B 182 16.59 -9.99 5.56
C ALA B 182 17.87 -9.88 6.39
N LYS B 183 18.00 -10.72 7.42
CA LYS B 183 19.25 -10.76 8.18
C LYS B 183 20.42 -11.03 7.24
N ARG B 184 20.24 -11.93 6.27
CA ARG B 184 21.31 -12.23 5.31
C ARG B 184 21.56 -11.09 4.33
N ALA B 185 20.54 -10.28 4.07
CA ALA B 185 20.71 -9.15 3.17
C ALA B 185 21.28 -7.92 3.86
N GLY B 186 21.63 -8.06 5.13
CA GLY B 186 22.23 -6.99 5.87
C GLY B 186 21.26 -6.17 6.70
N ALA B 187 20.17 -6.76 7.17
CA ALA B 187 19.15 -5.99 7.88
C ALA B 187 19.20 -6.26 9.37
N ARG B 188 18.90 -5.22 10.14
CA ARG B 188 18.50 -5.42 11.52
C ARG B 188 17.05 -5.93 11.49
N VAL B 189 16.80 -7.08 12.13
CA VAL B 189 15.51 -7.75 11.98
C VAL B 189 14.76 -7.74 13.31
N VAL B 190 13.51 -7.30 13.27
CA VAL B 190 12.64 -7.25 14.44
C VAL B 190 11.42 -8.13 14.17
N GLY B 191 11.11 -9.03 15.11
CA GLY B 191 9.98 -9.92 15.01
C GLY B 191 9.06 -9.78 16.20
N THR B 192 7.97 -10.54 16.17
CA THR B 192 6.95 -10.45 17.21
C THR B 192 6.58 -11.85 17.69
N ALA B 193 6.56 -12.02 18.99
CA ALA B 193 6.29 -13.33 19.59
C ALA B 193 5.28 -13.14 20.72
N GLY B 194 4.73 -14.27 21.18
CA GLY B 194 3.69 -14.26 22.20
C GLY B 194 4.15 -14.76 23.56
N SER B 195 5.30 -15.43 23.61
CA SER B 195 5.86 -15.98 24.84
C SER B 195 7.36 -15.88 24.75
N ALA B 196 8.02 -16.08 25.90
CA ALA B 196 9.47 -16.18 25.88
C ALA B 196 9.90 -17.38 25.05
N GLY B 197 9.09 -18.45 25.07
CA GLY B 197 9.39 -19.62 24.27
C GLY B 197 9.49 -19.29 22.79
N LYS B 198 8.47 -18.60 22.26
CA LYS B 198 8.54 -18.12 20.89
C LYS B 198 9.62 -17.06 20.71
N ALA B 199 9.76 -16.15 21.67
CA ALA B 199 10.71 -15.06 21.55
C ALA B 199 12.16 -15.56 21.55
N ARG B 200 12.47 -16.51 22.44
CA ARG B 200 13.83 -17.03 22.47
C ARG B 200 14.09 -17.91 21.26
N TYR B 201 13.04 -18.55 20.74
CA TYR B 201 13.15 -19.27 19.47
C TYR B 201 13.52 -18.29 18.38
N LEU B 202 12.86 -17.13 18.36
CA LEU B 202 13.19 -16.05 17.45
C LEU B 202 14.54 -15.44 17.77
N SER B 203 14.96 -15.48 19.05
CA SER B 203 16.30 -15.04 19.39
C SER B 203 17.34 -15.89 18.68
N GLN B 204 17.34 -17.21 18.93
CA GLN B 204 18.02 -18.08 17.99
C GLN B 204 17.40 -17.84 16.62
N LEU B 205 18.17 -18.11 15.57
CA LEU B 205 17.81 -17.79 14.18
C LEU B 205 18.24 -16.38 13.81
N GLY B 206 18.43 -15.49 14.79
CA GLY B 206 19.14 -14.26 14.53
C GLY B 206 18.35 -12.98 14.60
N PHE B 207 17.09 -13.03 15.03
CA PHE B 207 16.33 -11.80 15.20
C PHE B 207 17.01 -10.91 16.23
N ASP B 208 17.39 -9.71 15.80
CA ASP B 208 18.07 -8.81 16.71
C ASP B 208 17.17 -8.36 17.85
N ALA B 209 15.85 -8.35 17.62
CA ALA B 209 14.92 -7.86 18.63
C ALA B 209 13.59 -8.56 18.45
N VAL B 210 12.95 -8.92 19.57
CA VAL B 210 11.66 -9.57 19.56
C VAL B 210 10.72 -8.81 20.48
N ILE B 211 9.49 -8.59 20.01
CA ILE B 211 8.49 -7.81 20.72
C ILE B 211 7.35 -8.73 21.17
N ASP B 212 6.94 -8.58 22.42
CA ASP B 212 5.86 -9.35 23.02
C ASP B 212 4.55 -8.65 22.70
N TYR B 213 3.90 -9.07 21.60
CA TYR B 213 2.64 -8.47 21.22
C TYR B 213 1.54 -8.77 22.22
N LYS B 214 1.71 -9.82 23.03
CA LYS B 214 0.71 -10.11 24.04
C LYS B 214 0.85 -9.15 25.23
N LEU B 215 2.08 -8.77 25.60
CA LEU B 215 2.23 -7.69 26.59
C LEU B 215 1.59 -6.40 26.14
N ALA B 216 1.60 -6.13 24.84
CA ALA B 216 1.02 -4.93 24.27
C ALA B 216 -0.24 -5.27 23.45
N ASP B 217 -1.30 -5.71 24.14
CA ASP B 217 -2.59 -5.74 23.46
C ASP B 217 -2.99 -4.33 23.03
N ASP B 218 -2.64 -3.33 23.84
CA ASP B 218 -2.86 -1.92 23.53
C ASP B 218 -1.77 -1.39 22.58
N ALA B 219 -2.16 -0.40 21.76
CA ALA B 219 -1.26 0.15 20.76
C ALA B 219 -0.26 1.15 21.33
N ASP B 220 -0.51 1.67 22.54
CA ASP B 220 0.43 2.62 23.12
C ASP B 220 1.74 1.95 23.49
N LYS B 221 1.69 0.88 24.30
CA LYS B 221 2.91 0.13 24.59
C LYS B 221 3.47 -0.57 23.37
N MET B 222 2.63 -0.83 22.37
CA MET B 222 3.09 -1.40 21.12
C MET B 222 3.90 -0.40 20.30
N ARG B 223 3.47 0.86 20.25
CA ARG B 223 4.26 1.85 19.52
C ARG B 223 5.56 2.18 20.25
N GLU B 224 5.61 1.96 21.56
CA GLU B 224 6.81 2.19 22.36
C GLU B 224 7.81 1.05 22.18
N ALA B 225 7.33 -0.18 22.30
CA ALA B 225 8.17 -1.35 22.05
C ALA B 225 8.84 -1.27 20.68
N LEU B 226 8.11 -0.79 19.67
CA LEU B 226 8.69 -0.64 18.33
C LEU B 226 9.72 0.48 18.27
N ARG B 227 9.43 1.62 18.93
CA ARG B 227 10.40 2.70 18.99
C ARG B 227 11.71 2.21 19.60
N GLU B 228 11.62 1.31 20.58
CA GLU B 228 12.85 0.80 21.17
C GLU B 228 13.53 -0.24 20.29
N ALA B 229 12.74 -1.15 19.70
CA ALA B 229 13.35 -2.20 18.87
C ALA B 229 13.89 -1.64 17.56
N ALA B 230 13.18 -0.67 16.99
CA ALA B 230 13.55 -0.03 15.73
C ALA B 230 13.82 1.44 16.03
N PRO B 231 15.01 1.75 16.56
CA PRO B 231 15.26 3.14 16.97
C PRO B 231 15.40 4.08 15.79
N ASP B 232 15.65 3.56 14.60
CA ASP B 232 15.91 4.38 13.43
C ASP B 232 14.78 4.35 12.40
N GLY B 233 13.67 3.68 12.70
CA GLY B 233 12.54 3.67 11.80
C GLY B 233 12.46 2.36 11.04
N VAL B 234 11.28 2.07 10.52
CA VAL B 234 11.08 0.83 9.79
C VAL B 234 11.28 1.08 8.30
N ASP B 235 12.08 0.23 7.67
CA ASP B 235 12.27 0.30 6.23
C ASP B 235 11.54 -0.79 5.50
N LYS B 236 11.44 -1.97 6.10
CA LYS B 236 10.70 -3.05 5.48
C LYS B 236 9.84 -3.68 6.55
N TYR B 237 8.56 -3.87 6.22
CA TYR B 237 7.57 -4.48 7.08
C TYR B 237 6.98 -5.68 6.33
N PHE B 238 7.20 -6.87 6.86
CA PHE B 238 6.53 -8.07 6.38
C PHE B 238 5.44 -8.39 7.38
N ASP B 239 4.18 -8.21 6.96
CA ASP B 239 3.03 -8.19 7.85
C ASP B 239 2.18 -9.44 7.65
N SER B 240 2.09 -10.28 8.69
CA SER B 240 1.17 -11.42 8.74
C SER B 240 0.07 -11.26 9.77
N ILE B 241 0.18 -10.27 10.65
CA ILE B 241 -0.66 -10.14 11.84
C ILE B 241 -1.71 -9.05 11.68
N GLY B 242 -1.30 -7.89 11.19
CA GLY B 242 -2.23 -6.78 11.11
C GLY B 242 -2.46 -6.14 12.46
N GLY B 243 -3.70 -5.67 12.65
CA GLY B 243 -4.11 -5.17 13.94
C GLY B 243 -3.24 -4.05 14.48
N SER B 244 -3.09 -4.00 15.80
CA SER B 244 -2.47 -2.84 16.43
C SER B 244 -0.97 -2.79 16.22
N VAL B 245 -0.36 -3.90 15.77
CA VAL B 245 1.08 -3.91 15.46
C VAL B 245 1.34 -3.19 14.16
N THR B 246 0.51 -3.43 13.15
CA THR B 246 0.65 -2.72 11.89
C THR B 246 0.35 -1.23 12.08
N ASP B 247 -0.64 -0.92 12.92
CA ASP B 247 -0.89 0.47 13.31
C ASP B 247 0.37 1.12 13.87
N ALA B 248 1.11 0.39 14.70
CA ALA B 248 2.33 0.94 15.28
C ALA B 248 3.40 1.10 14.21
N VAL B 249 3.60 0.08 13.37
CA VAL B 249 4.66 0.11 12.36
C VAL B 249 4.42 1.23 11.36
N PHE B 250 3.16 1.53 11.04
CA PHE B 250 2.90 2.55 10.03
C PHE B 250 3.23 3.96 10.54
N SER B 251 3.32 4.15 11.85
CA SER B 251 3.69 5.42 12.43
C SER B 251 5.19 5.69 12.38
N MET B 252 5.98 4.74 11.89
CA MET B 252 7.42 4.90 11.93
C MET B 252 8.05 4.42 10.64
N LEU B 253 7.38 4.65 9.51
CA LEU B 253 7.89 4.22 8.22
C LEU B 253 8.91 5.25 7.74
N ASN B 254 10.10 4.78 7.38
CA ASN B 254 11.14 5.62 6.79
C ASN B 254 10.79 5.96 5.33
N VAL B 255 11.55 6.90 4.74
CA VAL B 255 11.37 7.14 3.32
C VAL B 255 11.75 5.88 2.54
N GLY B 256 11.01 5.61 1.47
CA GLY B 256 11.31 4.53 0.54
C GLY B 256 10.98 3.17 1.06
N SER B 257 10.16 3.09 2.09
CA SER B 257 9.89 1.82 2.73
C SER B 257 8.94 0.96 1.90
N GLN B 258 8.92 -0.32 2.24
CA GLN B 258 8.10 -1.30 1.55
C GLN B 258 7.43 -2.20 2.57
N VAL B 259 6.08 -2.22 2.59
CA VAL B 259 5.30 -3.17 3.36
C VAL B 259 4.92 -4.33 2.45
N ALA B 260 4.85 -5.54 2.99
CA ALA B 260 4.28 -6.66 2.27
C ALA B 260 3.18 -7.22 3.16
N VAL B 261 1.93 -6.95 2.80
CA VAL B 261 0.78 -7.51 3.52
C VAL B 261 0.55 -8.93 3.04
N CYS B 262 0.73 -9.89 3.94
CA CYS B 262 0.65 -11.30 3.58
C CYS B 262 -0.58 -11.98 4.16
N TRP B 263 -0.86 -11.78 5.45
CA TRP B 263 -2.11 -12.23 6.04
C TRP B 263 -2.42 -11.21 7.13
N GLN B 264 -3.63 -11.31 7.72
CA GLN B 264 -4.06 -10.39 8.77
C GLN B 264 -4.76 -11.19 9.87
N TRP B 265 -3.95 -11.91 10.64
CA TRP B 265 -4.45 -12.76 11.71
C TRP B 265 -5.46 -12.01 12.57
N ALA B 266 -5.14 -10.77 12.93
CA ALA B 266 -6.01 -10.04 13.82
C ALA B 266 -7.37 -9.72 13.19
N THR B 267 -7.47 -9.73 11.86
CA THR B 267 -8.75 -9.48 11.24
C THR B 267 -9.48 -10.77 10.90
N GLN B 268 -8.76 -11.73 10.31
CA GLN B 268 -9.36 -13.05 10.05
C GLN B 268 -9.76 -13.70 11.34
N VAL B 269 -8.79 -13.94 12.22
CA VAL B 269 -9.01 -14.71 13.44
C VAL B 269 -9.67 -13.87 14.53
N GLN B 270 -9.11 -12.71 14.82
CA GLN B 270 -9.55 -11.98 16.00
C GLN B 270 -10.47 -10.80 15.67
N ARG B 271 -10.83 -10.65 14.40
CA ARG B 271 -11.94 -9.79 13.99
C ARG B 271 -11.67 -8.31 14.28
N ASP B 272 -10.41 -7.89 14.07
CA ASP B 272 -10.04 -6.47 14.20
C ASP B 272 -10.28 -5.83 12.84
N TYR B 273 -11.53 -5.48 12.60
CA TYR B 273 -11.97 -4.91 11.34
C TYR B 273 -11.86 -3.39 11.29
N HIS B 274 -11.58 -2.72 12.41
CA HIS B 274 -11.57 -1.27 12.47
C HIS B 274 -10.31 -0.80 13.16
N GLY B 275 -9.74 0.27 12.64
CA GLY B 275 -8.55 0.85 13.20
C GLY B 275 -8.27 2.24 12.67
N PRO B 276 -7.18 2.83 13.17
CA PRO B 276 -6.74 4.13 12.66
C PRO B 276 -6.47 4.08 11.17
N ARG B 277 -6.77 5.18 10.49
CA ARG B 277 -6.48 5.26 9.07
C ARG B 277 -4.96 5.19 8.83
N LEU B 278 -4.52 4.19 8.09
CA LEU B 278 -3.09 4.02 7.86
C LEU B 278 -2.58 4.66 6.57
N LEU B 279 -3.45 4.94 5.61
CA LEU B 279 -2.96 5.52 4.38
C LEU B 279 -2.35 6.90 4.60
N PRO B 280 -2.80 7.74 5.55
CA PRO B 280 -2.11 9.01 5.75
C PRO B 280 -0.63 8.86 6.03
N TYR B 281 -0.23 7.81 6.73
CA TYR B 281 1.18 7.65 7.07
C TYR B 281 2.08 7.30 5.88
N ILE B 282 1.52 6.89 4.75
CA ILE B 282 2.36 6.41 3.65
C ILE B 282 2.68 7.50 2.66
N MET B 283 2.19 8.72 2.86
CA MET B 283 2.43 9.72 1.82
C MET B 283 3.86 10.27 1.85
N PHE B 284 4.25 10.95 2.93
CA PHE B 284 5.61 11.49 2.99
C PHE B 284 6.69 10.42 2.84
N PRO B 285 6.61 9.25 3.48
CA PRO B 285 7.70 8.27 3.31
C PRO B 285 7.76 7.68 1.90
N ARG B 286 6.80 8.03 1.04
CA ARG B 286 6.67 7.49 -0.32
C ARG B 286 6.74 5.97 -0.27
N ALA B 287 5.98 5.42 0.68
CA ALA B 287 5.95 3.99 0.94
C ALA B 287 5.16 3.27 -0.15
N THR B 288 5.62 2.08 -0.48
CA THR B 288 4.96 1.21 -1.43
C THR B 288 4.47 -0.01 -0.66
N ILE B 289 3.16 -0.09 -0.42
CA ILE B 289 2.58 -1.31 0.15
C ILE B 289 2.12 -2.22 -0.97
N ARG B 290 2.29 -3.53 -0.79
CA ARG B 290 1.86 -4.48 -1.80
C ARG B 290 1.23 -5.71 -1.17
N GLY B 291 0.10 -6.15 -1.72
CA GLY B 291 -0.52 -7.37 -1.26
C GLY B 291 0.17 -8.63 -1.78
N ILE B 292 0.17 -9.67 -0.96
CA ILE B 292 0.82 -10.93 -1.25
C ILE B 292 -0.25 -12.01 -1.46
N PHE B 293 -0.17 -12.70 -2.59
CA PHE B 293 -0.99 -13.87 -2.88
C PHE B 293 -0.10 -14.82 -3.70
N SER B 294 0.69 -15.62 -2.99
CA SER B 294 1.82 -16.30 -3.60
C SER B 294 1.40 -17.30 -4.67
N LEU B 295 0.12 -17.63 -4.79
CA LEU B 295 -0.32 -18.46 -5.92
C LEU B 295 0.17 -17.91 -7.24
N GLU B 296 0.23 -16.57 -7.37
CA GLU B 296 0.63 -16.01 -8.64
C GLU B 296 2.00 -16.52 -9.08
N TRP B 297 2.82 -16.98 -8.13
CA TRP B 297 4.20 -17.38 -8.40
C TRP B 297 4.38 -18.87 -8.60
N PHE B 298 3.30 -19.66 -8.57
CA PHE B 298 3.43 -21.12 -8.68
C PHE B 298 3.60 -21.48 -10.16
N THR B 299 4.82 -21.26 -10.66
CA THR B 299 5.19 -21.65 -12.01
C THR B 299 6.48 -22.47 -11.94
N GLU B 300 6.75 -23.22 -13.00
CA GLU B 300 7.85 -24.19 -12.95
C GLU B 300 9.19 -23.49 -12.75
N GLN B 301 9.45 -22.43 -13.51
CA GLN B 301 10.71 -21.73 -13.34
C GLN B 301 10.87 -21.31 -11.89
N ASN B 302 9.80 -20.79 -11.28
CA ASN B 302 9.86 -20.38 -9.88
C ASN B 302 10.16 -21.56 -8.97
N TRP B 303 9.52 -22.70 -9.21
CA TRP B 303 9.79 -23.89 -8.40
C TRP B 303 11.23 -24.35 -8.54
N SER B 304 11.74 -24.38 -9.78
CA SER B 304 13.16 -24.68 -9.98
C SER B 304 14.00 -23.75 -9.13
N ALA B 305 13.75 -22.46 -9.26
CA ALA B 305 14.48 -21.43 -8.52
C ALA B 305 14.34 -21.62 -7.00
N LEU B 306 13.17 -21.93 -6.50
CA LEU B 306 13.07 -22.03 -5.06
C LEU B 306 13.96 -23.14 -4.58
N HIS B 307 14.04 -24.21 -5.32
CA HIS B 307 14.95 -25.26 -4.91
C HIS B 307 16.40 -24.82 -5.01
N GLU B 308 16.76 -24.16 -6.10
CA GLU B 308 18.13 -23.71 -6.27
C GLU B 308 18.49 -22.69 -5.19
N GLU B 309 17.87 -21.51 -5.21
CA GLU B 309 18.21 -20.46 -4.25
C GLU B 309 18.00 -20.94 -2.81
N LEU B 310 16.76 -21.24 -2.44
CA LEU B 310 16.43 -21.51 -1.03
C LEU B 310 16.95 -22.87 -0.59
N GLY B 311 16.72 -23.89 -1.42
CA GLY B 311 17.08 -25.25 -1.04
C GLY B 311 18.56 -25.41 -0.73
N GLY B 312 19.41 -24.78 -1.53
CA GLY B 312 20.83 -24.78 -1.22
C GLY B 312 21.13 -24.24 0.16
N LEU B 313 20.65 -23.02 0.46
CA LEU B 313 20.92 -22.39 1.76
C LEU B 313 20.50 -23.29 2.90
N VAL B 314 19.36 -23.97 2.78
CA VAL B 314 18.93 -24.86 3.85
C VAL B 314 19.92 -26.00 4.01
N ARG B 315 20.28 -26.62 2.90
CA ARG B 315 21.16 -27.78 2.94
C ARG B 315 22.55 -27.41 3.46
N ARG B 316 22.95 -26.14 3.33
CA ARG B 316 24.27 -25.69 3.75
C ARG B 316 24.22 -25.12 5.15
N GLN B 317 23.17 -25.42 5.91
CA GLN B 317 23.02 -24.97 7.29
C GLN B 317 23.05 -23.45 7.44
N GLU B 318 22.95 -22.69 6.33
CA GLU B 318 22.82 -21.24 6.43
C GLU B 318 21.40 -20.78 6.73
N LEU B 319 20.42 -21.67 6.54
CA LEU B 319 19.04 -21.33 6.82
C LEU B 319 18.35 -22.43 7.55
N VAL B 320 17.81 -22.13 8.72
CA VAL B 320 17.06 -23.08 9.51
C VAL B 320 15.61 -22.99 9.10
N ALA B 321 15.01 -24.14 8.79
CA ALA B 321 13.62 -24.21 8.35
C ALA B 321 13.02 -25.39 9.09
N HIS B 322 12.47 -25.12 10.26
CA HIS B 322 12.01 -26.15 11.17
C HIS B 322 10.58 -26.59 10.85
N GLU B 323 10.25 -27.82 11.24
CA GLU B 323 8.91 -28.33 11.00
C GLU B 323 8.52 -29.30 12.12
N THR B 324 7.22 -29.31 12.43
CA THR B 324 6.61 -30.07 13.55
C THR B 324 5.63 -31.07 12.96
N VAL B 325 6.03 -32.33 12.84
CA VAL B 325 5.24 -33.33 12.11
C VAL B 325 4.47 -34.18 13.12
N GLN B 326 3.22 -33.81 13.34
CA GLN B 326 2.27 -34.69 14.00
C GLN B 326 2.01 -35.93 13.15
N ASP B 327 1.65 -37.03 13.80
CA ASP B 327 1.41 -38.28 13.08
C ASP B 327 -0.01 -38.77 13.33
N GLY B 328 -0.60 -39.33 12.29
CA GLY B 328 -1.92 -39.88 12.43
C GLY B 328 -3.03 -39.02 11.86
N PHE B 329 -3.76 -39.60 10.91
CA PHE B 329 -4.89 -38.93 10.27
C PHE B 329 -5.94 -38.54 11.28
N GLU B 330 -6.07 -39.33 12.36
CA GLU B 330 -7.07 -39.07 13.38
C GLU B 330 -6.84 -37.73 14.08
N HIS B 331 -5.59 -37.24 14.06
CA HIS B 331 -5.19 -36.09 14.86
C HIS B 331 -5.11 -34.80 14.05
N ILE B 332 -5.60 -34.80 12.80
CA ILE B 332 -5.42 -33.64 11.94
C ILE B 332 -6.01 -32.37 12.57
N PRO B 333 -7.26 -32.36 13.04
CA PRO B 333 -7.73 -31.15 13.73
C PRO B 333 -7.06 -30.91 15.08
N ALA B 334 -6.69 -31.97 15.80
CA ALA B 334 -5.87 -31.81 16.99
C ALA B 334 -4.62 -31.00 16.68
N ALA B 335 -3.90 -31.41 15.63
CA ALA B 335 -2.71 -30.69 15.21
C ALA B 335 -3.06 -29.29 14.74
N TYR B 336 -4.18 -29.15 14.05
CA TYR B 336 -4.62 -27.83 13.60
C TYR B 336 -4.86 -26.91 14.79
N GLN B 337 -5.48 -27.44 15.84
CA GLN B 337 -5.85 -26.63 17.00
C GLN B 337 -4.63 -26.02 17.69
N THR B 338 -3.47 -26.66 17.59
CA THR B 338 -2.29 -26.13 18.27
C THR B 338 -1.88 -24.78 17.70
N LEU B 339 -2.20 -24.51 16.44
CA LEU B 339 -1.85 -23.22 15.82
C LEU B 339 -2.50 -22.06 16.56
N PHE B 340 -3.71 -22.27 17.06
CA PHE B 340 -4.45 -21.24 17.77
C PHE B 340 -4.33 -21.35 19.27
N SER B 341 -3.62 -22.36 19.77
CA SER B 341 -3.44 -22.53 21.20
C SER B 341 -2.62 -21.39 21.76
N ALA B 342 -2.99 -20.95 22.96
CA ALA B 342 -2.21 -19.90 23.58
C ALA B 342 -0.84 -20.42 24.02
N SER B 343 -0.71 -21.75 24.21
CA SER B 343 0.62 -22.31 24.44
C SER B 343 1.42 -22.24 23.13
N GLU B 344 2.72 -22.01 23.26
CA GLU B 344 3.60 -21.87 22.10
C GLU B 344 4.52 -23.05 21.88
N SER B 345 3.99 -24.27 21.94
CA SER B 345 4.89 -25.42 21.94
C SER B 345 5.38 -25.80 20.54
N ASN B 346 4.86 -25.16 19.48
CA ASN B 346 5.14 -25.54 18.08
C ASN B 346 6.22 -24.67 17.46
N ARG B 347 7.11 -25.31 16.68
CA ARG B 347 8.20 -24.62 15.98
C ARG B 347 8.19 -24.97 14.49
N GLY B 348 8.28 -23.93 13.65
CA GLY B 348 8.29 -24.07 12.20
C GLY B 348 6.93 -24.50 11.67
N LYS B 349 6.96 -25.18 10.53
CA LYS B 349 5.72 -25.57 9.84
C LYS B 349 5.07 -26.77 10.52
N VAL B 350 3.74 -26.79 10.56
CA VAL B 350 3.00 -27.88 11.19
C VAL B 350 2.34 -28.74 10.11
N LEU B 351 2.67 -30.04 10.12
CA LEU B 351 2.17 -31.04 9.18
C LEU B 351 1.68 -32.25 9.95
N VAL B 352 0.85 -33.05 9.30
CA VAL B 352 0.48 -34.38 9.78
C VAL B 352 0.97 -35.42 8.77
N ARG B 353 1.51 -36.52 9.28
CA ARG B 353 1.88 -37.63 8.42
C ARG B 353 0.76 -38.65 8.43
N VAL B 354 0.34 -39.10 7.27
CA VAL B 354 -0.82 -39.97 7.22
C VAL B 354 -0.51 -41.29 6.57
#